data_6CGZ
#
_entry.id   6CGZ
#
_cell.length_a   145.940
_cell.length_b   88.690
_cell.length_c   97.680
_cell.angle_alpha   90.00
_cell.angle_beta   128.24
_cell.angle_gamma   90.00
#
_symmetry.space_group_name_H-M   'C 1 2 1'
#
loop_
_entity.id
_entity.type
_entity.pdbx_description
1 polymer Beta-lactamase
2 non-polymer 'COBALT (II) ION'
3 non-polymer 1,2-ETHANEDIOL
4 non-polymer GLYCEROL
5 non-polymer N-[(3S)-2-oxotetrahydrofuran-3-yl]hexanamide
6 non-polymer 'TETRAETHYLENE GLYCOL'
7 water water
#
_entity_poly.entity_id   1
_entity_poly.type   'polypeptide(L)'
_entity_poly.pdbx_seq_one_letter_code
;MTNIAKAQPKLYVMDNGRMRMDKNWMIAMHNPATIANPNAPTEFIEFPIYTVLIDHPEGKILFDTSCNPDSMGAQGRWGE
ATQSMFPWTASEECYLHNRLEQLKVRPEDIKFVIASHLHLDHAGCLEMFTNATIIVHEDEFSGALQTYARNQTEGAYIWG
DIDAWIKNNLNWRTIKRDEDNIVLAEGIKILNFGSGHAWGMLGLHVQLPEKGGIILASDAVYSAESYGPPIKPPGIIYDS
LGFVRSVEKIKRIAKETNSEVWFGHDSEQFKRFRKSTEGYYE
;
_entity_poly.pdbx_strand_id   A,B,C
#
# COMPACT_ATOMS: atom_id res chain seq x y z
N GLN A 8 12.43 -39.22 9.18
CA GLN A 8 11.60 -38.09 9.72
C GLN A 8 12.52 -36.89 9.94
N PRO A 9 12.21 -35.74 9.33
CA PRO A 9 13.19 -34.67 9.44
C PRO A 9 13.39 -34.10 10.85
N LYS A 10 14.56 -33.50 11.05
CA LYS A 10 14.88 -32.81 12.28
C LYS A 10 15.35 -31.43 11.90
N LEU A 11 14.94 -30.43 12.67
CA LEU A 11 15.32 -29.04 12.40
C LEU A 11 16.05 -28.45 13.60
N TYR A 12 17.21 -27.86 13.34
CA TYR A 12 18.06 -27.29 14.34
C TYR A 12 18.22 -25.78 14.16
N VAL A 13 18.15 -25.06 15.26
CA VAL A 13 18.40 -23.64 15.30
C VAL A 13 19.81 -23.42 15.83
N MET A 14 20.70 -22.89 15.00
CA MET A 14 22.07 -22.65 15.39
C MET A 14 22.35 -21.18 15.74
N ASP A 15 22.82 -20.96 16.95
CA ASP A 15 23.06 -19.60 17.46
C ASP A 15 24.40 -19.10 16.96
N ASN A 16 24.41 -18.07 16.08
CA ASN A 16 25.66 -17.57 15.51
C ASN A 16 26.05 -16.19 16.02
N GLY A 17 25.73 -15.93 17.28
CA GLY A 17 26.15 -14.71 17.91
C GLY A 17 25.16 -13.56 17.89
N ARG A 18 25.66 -12.38 18.19
CA ARG A 18 24.83 -11.20 18.36
C ARG A 18 25.38 -10.02 17.58
N MET A 19 24.45 -9.18 17.13
CA MET A 19 24.81 -7.95 16.49
C MET A 19 24.10 -6.82 17.18
N ARG A 20 24.69 -5.65 17.15
CA ARG A 20 24.02 -4.45 17.68
C ARG A 20 23.95 -3.42 16.59
N MET A 21 22.92 -2.58 16.65
CA MET A 21 22.83 -1.47 15.73
C MET A 21 21.77 -0.50 16.24
N ASP A 22 21.79 0.68 15.62
CA ASP A 22 20.80 1.71 15.88
C ASP A 22 19.42 1.13 15.69
N LYS A 23 18.55 1.30 16.66
CA LYS A 23 17.21 0.76 16.52
C LYS A 23 16.49 1.32 15.28
N ASN A 24 16.84 2.52 14.84
CA ASN A 24 16.20 3.06 13.62
C ASN A 24 16.46 2.22 12.36
N TRP A 25 17.56 1.47 12.33
CA TRP A 25 17.77 0.57 11.18
C TRP A 25 16.69 -0.49 11.19
N MET A 26 16.27 -0.95 12.38
CA MET A 26 15.29 -1.99 12.46
C MET A 26 13.86 -1.50 12.32
N ILE A 27 13.54 -0.41 13.01
CA ILE A 27 12.20 0.17 12.95
C ILE A 27 12.35 1.66 12.61
N ALA A 28 12.05 2.03 11.36
CA ALA A 28 12.15 3.42 10.89
C ALA A 28 11.41 4.37 11.81
N MET A 29 12.09 5.45 12.15
CA MET A 29 11.50 6.52 12.95
C MET A 29 10.78 6.01 14.18
N HIS A 30 11.41 5.11 14.90
CA HIS A 30 10.77 4.51 16.06
C HIS A 30 10.56 5.49 17.19
N ASN A 31 11.35 6.57 17.24
CA ASN A 31 11.21 7.55 18.32
C ASN A 31 11.51 8.98 17.87
N PRO A 32 10.62 9.55 17.06
CA PRO A 32 10.95 10.82 16.43
C PRO A 32 11.08 11.98 17.42
N ALA A 33 11.99 12.89 17.12
CA ALA A 33 12.13 14.13 17.85
C ALA A 33 10.82 14.90 17.81
N THR A 34 10.53 15.60 18.91
CA THR A 34 9.32 16.38 19.05
C THR A 34 9.70 17.69 19.72
N ILE A 35 8.71 18.56 19.86
CA ILE A 35 8.89 19.80 20.61
C ILE A 35 9.35 19.47 22.04
N ALA A 36 8.74 18.46 22.62
CA ALA A 36 9.00 18.05 24.01
C ALA A 36 10.36 17.36 24.15
N ASN A 37 10.87 16.78 23.06
CA ASN A 37 12.26 16.24 23.03
C ASN A 37 12.89 16.37 21.66
N PRO A 38 13.50 17.54 21.39
CA PRO A 38 14.10 17.88 20.11
C PRO A 38 15.31 17.04 19.74
N ASN A 39 15.94 16.43 20.72
CA ASN A 39 17.15 15.64 20.46
C ASN A 39 16.92 14.19 20.88
N ALA A 40 15.75 13.67 20.53
CA ALA A 40 15.33 12.35 20.93
C ALA A 40 16.49 11.36 20.73
N PRO A 41 16.90 10.69 21.80
CA PRO A 41 18.03 9.77 21.65
C PRO A 41 17.55 8.48 21.02
N THR A 42 18.40 7.82 20.26
CA THR A 42 18.04 6.49 19.78
C THR A 42 18.61 5.47 20.78
N GLU A 43 18.48 4.21 20.45
CA GLU A 43 19.12 3.17 21.27
C GLU A 43 19.85 2.16 20.36
N PHE A 44 20.88 1.53 20.94
CA PHE A 44 21.73 0.56 20.27
C PHE A 44 21.22 -0.82 20.69
N ILE A 45 20.38 -1.43 19.87
CA ILE A 45 19.74 -2.67 20.26
C ILE A 45 20.59 -3.88 19.89
N GLU A 46 20.37 -4.96 20.61
CA GLU A 46 21.07 -6.20 20.35
C GLU A 46 20.10 -7.24 19.82
N PHE A 47 20.54 -8.03 18.85
CA PHE A 47 19.69 -9.08 18.34
C PHE A 47 20.53 -10.27 17.88
N PRO A 48 19.90 -11.42 17.73
CA PRO A 48 20.63 -12.62 17.34
C PRO A 48 20.82 -12.77 15.83
N ILE A 49 21.93 -13.43 15.48
CA ILE A 49 22.19 -13.90 14.13
C ILE A 49 22.09 -15.41 14.22
N TYR A 50 21.27 -16.02 13.37
CA TYR A 50 21.12 -17.46 13.45
C TYR A 50 20.90 -18.09 12.09
N THR A 51 21.06 -19.41 12.08
CA THR A 51 20.92 -20.24 10.91
C THR A 51 20.09 -21.46 11.28
N VAL A 52 19.54 -22.09 10.26
CA VAL A 52 18.71 -23.27 10.45
C VAL A 52 19.21 -24.42 9.59
N LEU A 53 19.42 -25.57 10.21
CA LEU A 53 19.77 -26.78 9.49
C LEU A 53 18.60 -27.75 9.53
N ILE A 54 18.17 -28.23 8.37
CA ILE A 54 17.15 -29.26 8.31
C ILE A 54 17.81 -30.58 7.91
N ASP A 55 17.85 -31.55 8.83
CA ASP A 55 18.38 -32.89 8.54
C ASP A 55 17.23 -33.69 7.98
N HIS A 56 17.17 -33.78 6.66
CA HIS A 56 16.06 -34.39 5.94
C HIS A 56 16.57 -35.68 5.30
N PRO A 57 15.71 -36.72 5.22
CA PRO A 57 16.17 -37.97 4.60
C PRO A 57 16.67 -37.79 3.19
N GLU A 58 16.10 -36.84 2.43
CA GLU A 58 16.55 -36.60 1.06
C GLU A 58 17.84 -35.79 0.98
N GLY A 59 18.30 -35.23 2.10
CA GLY A 59 19.56 -34.49 2.11
C GLY A 59 19.53 -33.31 3.08
N LYS A 60 20.68 -32.94 3.62
CA LYS A 60 20.75 -31.83 4.56
C LYS A 60 20.58 -30.48 3.84
N ILE A 61 19.80 -29.60 4.44
CA ILE A 61 19.48 -28.30 3.87
C ILE A 61 19.81 -27.24 4.91
N LEU A 62 20.60 -26.26 4.52
CA LEU A 62 20.97 -25.15 5.40
C LEU A 62 20.30 -23.86 4.93
N PHE A 63 19.61 -23.18 5.84
CA PHE A 63 19.01 -21.90 5.55
C PHE A 63 19.86 -20.82 6.18
N ASP A 64 20.49 -20.01 5.32
CA ASP A 64 21.39 -18.92 5.75
C ASP A 64 22.72 -19.42 6.33
N THR A 65 23.68 -18.53 6.43
CA THR A 65 25.03 -18.93 6.82
C THR A 65 25.73 -18.02 7.83
N SER A 66 25.02 -17.02 8.36
CA SER A 66 25.56 -16.08 9.37
C SER A 66 26.67 -15.22 8.80
N CYS A 67 27.64 -14.82 9.63
CA CYS A 67 28.69 -13.89 9.28
C CYS A 67 29.99 -14.64 9.19
N ASN A 68 30.91 -14.15 8.38
CA ASN A 68 32.20 -14.83 8.32
C ASN A 68 33.00 -14.60 9.61
N PRO A 69 33.70 -15.64 10.08
CA PRO A 69 34.52 -15.43 11.30
C PRO A 69 35.58 -14.33 11.15
N ASP A 70 36.02 -14.02 9.94
CA ASP A 70 36.98 -12.93 9.75
C ASP A 70 36.34 -11.56 9.46
N SER A 71 35.07 -11.41 9.79
CA SER A 71 34.35 -10.15 9.56
C SER A 71 34.89 -8.94 10.35
N MET A 72 35.00 -9.10 11.65
CA MET A 72 35.32 -7.99 12.55
C MET A 72 36.80 -7.86 12.84
N GLY A 73 37.19 -6.68 13.30
CA GLY A 73 38.58 -6.43 13.69
C GLY A 73 39.25 -5.48 12.72
N ALA A 74 40.32 -4.85 13.19
CA ALA A 74 40.99 -3.88 12.36
C ALA A 74 41.52 -4.50 11.08
N GLN A 75 41.76 -5.80 11.07
N GLN A 75 41.78 -5.80 11.12
CA GLN A 75 42.30 -6.45 9.88
CA GLN A 75 42.33 -6.57 9.99
C GLN A 75 41.22 -7.30 9.19
C GLN A 75 41.22 -7.27 9.17
N GLY A 76 39.96 -7.08 9.57
CA GLY A 76 38.84 -7.90 9.07
C GLY A 76 38.29 -7.55 7.72
N ARG A 77 37.32 -8.33 7.27
CA ARG A 77 36.72 -8.13 5.96
C ARG A 77 35.70 -6.97 5.93
N TRP A 78 35.04 -6.72 7.04
CA TRP A 78 34.02 -5.69 7.06
C TRP A 78 34.70 -4.33 7.13
N GLY A 79 34.13 -3.36 6.42
CA GLY A 79 34.66 -2.01 6.44
C GLY A 79 34.60 -1.38 7.83
N GLU A 80 35.48 -0.42 8.08
N GLU A 80 35.48 -0.42 8.09
CA GLU A 80 35.57 0.17 9.42
CA GLU A 80 35.57 0.18 9.42
C GLU A 80 34.27 0.82 9.85
C GLU A 80 34.25 0.79 9.86
N ALA A 81 33.60 1.51 8.94
CA ALA A 81 32.35 2.15 9.26
C ALA A 81 31.26 1.12 9.51
N THR A 82 31.25 0.06 8.71
CA THR A 82 30.26 -0.98 8.88
C THR A 82 30.42 -1.66 10.24
N GLN A 83 31.65 -1.94 10.63
CA GLN A 83 31.90 -2.54 11.93
C GLN A 83 31.43 -1.64 13.07
N SER A 84 31.52 -0.32 12.87
CA SER A 84 31.15 0.61 13.96
C SER A 84 29.65 0.72 14.13
N MET A 85 28.91 0.51 13.04
N MET A 85 28.91 0.50 13.06
CA MET A 85 27.46 0.60 13.05
CA MET A 85 27.46 0.61 13.10
C MET A 85 26.72 -0.71 13.25
C MET A 85 26.71 -0.71 13.24
N PHE A 86 27.36 -1.84 12.94
CA PHE A 86 26.70 -3.14 12.99
C PHE A 86 27.63 -4.18 13.62
N PRO A 87 28.20 -3.85 14.78
CA PRO A 87 29.17 -4.77 15.33
C PRO A 87 28.60 -6.14 15.63
N TRP A 88 29.35 -7.18 15.24
CA TRP A 88 28.98 -8.57 15.51
C TRP A 88 29.91 -9.18 16.55
N THR A 89 29.33 -9.76 17.58
CA THR A 89 30.08 -10.38 18.66
C THR A 89 29.73 -11.85 18.67
N ALA A 90 30.73 -12.69 18.74
CA ALA A 90 30.51 -14.13 18.64
C ALA A 90 31.68 -14.85 19.28
N SER A 91 31.38 -15.79 20.19
CA SER A 91 32.41 -16.69 20.71
C SER A 91 32.74 -17.73 19.61
N GLU A 92 33.82 -18.47 19.79
CA GLU A 92 34.23 -19.47 18.80
C GLU A 92 33.12 -20.49 18.58
N GLU A 93 32.42 -20.88 19.65
N GLU A 93 32.43 -20.84 19.66
CA GLU A 93 31.39 -21.92 19.52
CA GLU A 93 31.37 -21.84 19.65
C GLU A 93 30.25 -21.45 18.62
C GLU A 93 30.24 -21.44 18.69
N CYS A 94 30.08 -20.14 18.48
CA CYS A 94 29.03 -19.57 17.63
C CYS A 94 29.31 -19.57 16.13
N TYR A 95 30.57 -19.71 15.73
CA TYR A 95 30.87 -19.72 14.32
C TYR A 95 30.19 -20.90 13.65
N LEU A 96 29.66 -20.66 12.45
CA LEU A 96 28.87 -21.68 11.80
C LEU A 96 29.67 -23.00 11.66
N HIS A 97 30.94 -22.93 11.29
CA HIS A 97 31.71 -24.19 11.13
C HIS A 97 31.74 -24.99 12.44
N ASN A 98 31.79 -24.27 13.56
CA ASN A 98 31.79 -24.95 14.87
C ASN A 98 30.41 -25.46 15.26
N ARG A 99 29.36 -24.70 14.97
CA ARG A 99 28.02 -25.20 15.24
C ARG A 99 27.70 -26.46 14.42
N LEU A 100 28.21 -26.52 13.20
CA LEU A 100 27.99 -27.70 12.38
C LEU A 100 28.83 -28.88 12.89
N GLU A 101 30.06 -28.61 13.29
CA GLU A 101 30.94 -29.64 13.86
C GLU A 101 30.30 -30.26 15.11
N GLN A 102 29.71 -29.41 15.96
CA GLN A 102 29.02 -29.83 17.18
C GLN A 102 27.85 -30.77 16.86
N LEU A 103 27.26 -30.61 15.67
CA LEU A 103 26.15 -31.45 15.23
C LEU A 103 26.63 -32.66 14.40
N LYS A 104 27.93 -32.79 14.25
CA LYS A 104 28.59 -33.84 13.45
C LYS A 104 28.25 -33.74 11.97
N VAL A 105 28.09 -32.51 11.48
CA VAL A 105 27.78 -32.31 10.07
C VAL A 105 28.99 -31.65 9.46
N ARG A 106 29.51 -32.25 8.40
CA ARG A 106 30.59 -31.65 7.66
C ARG A 106 29.95 -30.69 6.64
N PRO A 107 30.66 -29.63 6.32
CA PRO A 107 30.18 -28.76 5.24
C PRO A 107 29.86 -29.54 3.98
N GLU A 108 30.66 -30.57 3.71
CA GLU A 108 30.52 -31.37 2.52
C GLU A 108 29.26 -32.17 2.51
N ASP A 109 28.64 -32.35 3.68
CA ASP A 109 27.41 -33.12 3.81
C ASP A 109 26.17 -32.29 3.44
N ILE A 110 26.31 -30.99 3.24
CA ILE A 110 25.13 -30.15 2.95
C ILE A 110 24.79 -30.23 1.47
N LYS A 111 23.58 -30.59 1.14
CA LYS A 111 23.18 -30.71 -0.25
C LYS A 111 22.66 -29.39 -0.81
N PHE A 112 21.88 -28.67 0.00
CA PHE A 112 21.37 -27.37 -0.41
C PHE A 112 21.65 -26.30 0.62
N VAL A 113 22.14 -25.17 0.17
CA VAL A 113 22.20 -23.99 1.01
C VAL A 113 21.25 -22.96 0.42
N ILE A 114 20.31 -22.46 1.23
CA ILE A 114 19.42 -21.41 0.78
C ILE A 114 19.96 -20.06 1.27
N ALA A 115 20.36 -19.19 0.34
CA ALA A 115 20.82 -17.86 0.69
C ALA A 115 19.58 -16.99 0.62
N SER A 116 19.01 -16.65 1.79
CA SER A 116 17.82 -15.81 1.81
C SER A 116 18.07 -14.56 1.02
N HIS A 117 19.27 -14.03 1.17
CA HIS A 117 19.82 -12.94 0.38
C HIS A 117 21.32 -12.91 0.62
N LEU A 118 22.03 -11.90 0.10
CA LEU A 118 23.49 -11.95 0.12
C LEU A 118 24.15 -10.92 1.05
N HIS A 119 23.40 -10.39 2.02
CA HIS A 119 23.95 -9.49 3.03
C HIS A 119 24.98 -10.15 3.95
N LEU A 120 25.82 -9.31 4.55
CA LEU A 120 26.89 -9.67 5.45
C LEU A 120 26.54 -10.63 6.57
N ASP A 121 25.30 -10.60 7.08
CA ASP A 121 24.92 -11.46 8.21
C ASP A 121 24.13 -12.72 7.82
N HIS A 122 24.02 -12.99 6.52
CA HIS A 122 23.35 -14.19 6.04
C HIS A 122 24.17 -15.01 5.04
N ALA A 123 25.08 -14.37 4.31
CA ALA A 123 25.89 -15.05 3.29
C ALA A 123 27.36 -15.15 3.67
N GLY A 124 27.69 -14.81 4.92
CA GLY A 124 29.08 -14.72 5.33
C GLY A 124 29.88 -16.02 5.23
N CYS A 125 29.21 -17.17 5.32
CA CYS A 125 29.93 -18.47 5.25
C CYS A 125 29.58 -19.30 4.05
N LEU A 126 28.99 -18.71 3.00
CA LEU A 126 28.75 -19.48 1.78
C LEU A 126 29.99 -20.17 1.25
N GLU A 127 31.16 -19.56 1.41
CA GLU A 127 32.41 -20.10 0.85
C GLU A 127 32.78 -21.48 1.39
N MET A 128 32.21 -21.89 2.53
CA MET A 128 32.49 -23.21 3.11
C MET A 128 31.84 -24.35 2.34
N PHE A 129 30.79 -24.04 1.58
CA PHE A 129 29.95 -25.09 1.00
C PHE A 129 30.22 -25.33 -0.47
N THR A 130 31.33 -26.02 -0.71
CA THR A 130 31.84 -26.23 -2.06
C THR A 130 31.24 -27.46 -2.74
N ASN A 131 30.45 -28.23 -2.03
CA ASN A 131 29.76 -29.37 -2.63
C ASN A 131 28.27 -29.19 -2.77
N ALA A 132 27.70 -28.17 -2.12
CA ALA A 132 26.27 -27.98 -2.11
C ALA A 132 25.78 -27.20 -3.34
N THR A 133 24.51 -27.30 -3.62
CA THR A 133 23.86 -26.38 -4.54
C THR A 133 23.47 -25.13 -3.71
N ILE A 134 23.95 -23.96 -4.13
CA ILE A 134 23.68 -22.71 -3.43
C ILE A 134 22.52 -22.03 -4.13
N ILE A 135 21.39 -21.94 -3.44
CA ILE A 135 20.18 -21.37 -3.99
C ILE A 135 20.04 -19.90 -3.61
N VAL A 136 19.90 -19.04 -4.63
CA VAL A 136 19.84 -17.61 -4.43
C VAL A 136 18.91 -16.96 -5.49
N HIS A 137 18.28 -15.83 -5.15
CA HIS A 137 17.42 -15.15 -6.10
C HIS A 137 18.31 -14.56 -7.20
N GLU A 138 17.92 -14.71 -8.46
CA GLU A 138 18.76 -14.18 -9.56
C GLU A 138 19.16 -12.70 -9.48
N ASP A 139 18.24 -11.85 -9.03
CA ASP A 139 18.49 -10.43 -9.00
C ASP A 139 19.36 -10.07 -7.80
N GLU A 140 19.26 -10.84 -6.72
CA GLU A 140 20.17 -10.66 -5.59
C GLU A 140 21.61 -11.02 -5.99
N PHE A 141 21.77 -12.09 -6.74
CA PHE A 141 23.07 -12.53 -7.25
C PHE A 141 23.66 -11.44 -8.15
N SER A 142 22.85 -10.94 -9.09
CA SER A 142 23.31 -9.87 -9.95
C SER A 142 23.76 -8.67 -9.17
N GLY A 143 22.93 -8.22 -8.24
CA GLY A 143 23.22 -7.03 -7.51
C GLY A 143 24.49 -7.12 -6.69
N ALA A 144 24.66 -8.26 -6.02
CA ALA A 144 25.86 -8.50 -5.21
C ALA A 144 27.12 -8.50 -6.07
N LEU A 145 27.04 -9.17 -7.20
CA LEU A 145 28.17 -9.24 -8.13
C LEU A 145 28.53 -7.88 -8.70
N GLN A 146 27.53 -7.06 -9.04
CA GLN A 146 27.84 -5.69 -9.41
C GLN A 146 28.60 -4.90 -8.33
N THR A 147 28.22 -5.04 -7.05
N THR A 147 28.19 -5.08 -7.08
CA THR A 147 28.96 -4.32 -6.01
CA THR A 147 28.83 -4.40 -5.97
C THR A 147 30.39 -4.82 -5.97
C THR A 147 30.30 -4.84 -5.88
N TYR A 148 30.55 -6.13 -6.14
CA TYR A 148 31.89 -6.74 -6.16
C TYR A 148 32.73 -6.13 -7.26
N ALA A 149 32.18 -6.04 -8.46
CA ALA A 149 32.90 -5.48 -9.58
C ALA A 149 33.30 -4.02 -9.33
N ARG A 150 32.58 -3.33 -8.46
CA ARG A 150 32.94 -1.93 -8.11
C ARG A 150 33.97 -1.80 -6.99
N ASN A 151 34.43 -2.91 -6.45
CA ASN A 151 35.51 -2.92 -5.44
C ASN A 151 35.27 -2.00 -4.22
N GLN A 152 34.12 -2.15 -3.58
CA GLN A 152 33.75 -1.29 -2.45
C GLN A 152 34.19 -1.85 -1.09
N THR A 153 34.51 -0.96 -0.15
CA THR A 153 35.03 -1.39 1.15
C THR A 153 33.98 -1.29 2.26
N GLU A 154 32.87 -0.59 2.01
CA GLU A 154 31.83 -0.41 3.02
C GLU A 154 30.47 -0.85 2.50
N GLY A 155 29.59 -1.23 3.42
CA GLY A 155 28.23 -1.59 3.03
C GLY A 155 27.84 -2.99 3.45
N ALA A 156 26.64 -3.39 3.02
CA ALA A 156 26.06 -4.64 3.49
C ALA A 156 26.51 -5.84 2.67
N TYR A 157 27.15 -5.59 1.53
CA TYR A 157 27.68 -6.66 0.68
C TYR A 157 29.20 -6.62 0.84
N ILE A 158 29.79 -7.73 1.23
CA ILE A 158 31.16 -7.75 1.68
C ILE A 158 32.04 -8.26 0.56
N TRP A 159 32.94 -7.40 0.10
CA TRP A 159 33.83 -7.73 -1.00
C TRP A 159 34.57 -9.03 -0.77
N GLY A 160 35.19 -9.17 0.40
CA GLY A 160 35.96 -10.37 0.74
C GLY A 160 35.16 -11.62 0.71
N ASP A 161 33.90 -11.55 1.13
CA ASP A 161 33.03 -12.73 1.12
C ASP A 161 32.74 -13.12 -0.34
N ILE A 162 32.33 -12.15 -1.16
CA ILE A 162 32.00 -12.44 -2.52
C ILE A 162 33.22 -12.97 -3.27
N ASP A 163 34.36 -12.35 -3.02
CA ASP A 163 35.63 -12.78 -3.64
C ASP A 163 35.87 -14.28 -3.36
N ALA A 164 35.65 -14.69 -2.12
CA ALA A 164 35.80 -16.09 -1.77
C ALA A 164 34.78 -16.99 -2.45
N TRP A 165 33.53 -16.54 -2.64
CA TRP A 165 32.51 -17.39 -3.28
C TRP A 165 32.95 -17.71 -4.71
N ILE A 166 33.50 -16.69 -5.37
CA ILE A 166 33.96 -16.87 -6.74
C ILE A 166 35.20 -17.76 -6.81
N LYS A 167 36.19 -17.48 -5.97
CA LYS A 167 37.40 -18.31 -5.98
C LYS A 167 37.13 -19.76 -5.59
N ASN A 168 36.11 -20.01 -4.76
CA ASN A 168 35.81 -21.40 -4.38
C ASN A 168 34.90 -22.13 -5.36
N ASN A 169 34.51 -21.49 -6.46
CA ASN A 169 33.68 -22.13 -7.51
C ASN A 169 32.42 -22.82 -6.98
N LEU A 170 31.57 -22.05 -6.30
CA LEU A 170 30.34 -22.61 -5.77
C LEU A 170 29.37 -22.98 -6.87
N ASN A 171 28.48 -23.90 -6.56
N ASN A 171 28.56 -24.00 -6.64
CA ASN A 171 27.51 -24.47 -7.49
CA ASN A 171 27.55 -24.39 -7.60
C ASN A 171 26.16 -23.73 -7.42
C ASN A 171 26.32 -23.57 -7.26
N TRP A 172 26.06 -22.58 -8.09
CA TRP A 172 24.92 -21.70 -7.93
C TRP A 172 23.70 -22.20 -8.66
N ARG A 173 22.56 -22.11 -8.01
CA ARG A 173 21.29 -22.28 -8.70
C ARG A 173 20.48 -21.03 -8.49
N THR A 174 20.20 -20.26 -9.54
CA THR A 174 19.44 -19.05 -9.32
C THR A 174 17.94 -19.31 -9.45
N ILE A 175 17.18 -18.71 -8.55
CA ILE A 175 15.73 -18.76 -8.62
C ILE A 175 15.31 -17.56 -9.44
N LYS A 176 14.52 -17.81 -10.46
CA LYS A 176 14.16 -16.76 -11.39
C LYS A 176 13.12 -15.88 -10.75
N ARG A 177 13.08 -14.61 -11.16
CA ARG A 177 12.22 -13.65 -10.48
C ARG A 177 10.74 -14.01 -10.50
N ASP A 178 10.31 -14.84 -11.45
CA ASP A 178 8.90 -15.20 -11.56
C ASP A 178 8.62 -16.62 -11.07
N GLU A 179 9.64 -17.28 -10.53
CA GLU A 179 9.58 -18.64 -10.06
C GLU A 179 9.15 -18.61 -8.57
N ASP A 180 8.30 -19.52 -8.14
CA ASP A 180 7.89 -19.51 -6.71
C ASP A 180 7.52 -20.90 -6.26
N ASN A 181 7.43 -21.08 -4.95
CA ASN A 181 6.97 -22.33 -4.37
C ASN A 181 7.74 -23.52 -4.92
N ILE A 182 9.06 -23.44 -4.81
CA ILE A 182 9.95 -24.43 -5.38
C ILE A 182 10.18 -25.53 -4.36
N VAL A 183 9.74 -26.74 -4.69
CA VAL A 183 9.89 -27.86 -3.79
C VAL A 183 11.30 -28.41 -3.87
N LEU A 184 11.99 -28.44 -2.73
CA LEU A 184 13.34 -28.95 -2.68
C LEU A 184 13.36 -30.38 -2.18
N ALA A 185 12.36 -30.72 -1.40
CA ALA A 185 12.28 -32.02 -0.76
C ALA A 185 10.91 -32.14 -0.15
N GLU A 186 10.49 -33.34 0.23
CA GLU A 186 9.16 -33.51 0.82
C GLU A 186 9.02 -32.59 2.01
N GLY A 187 8.03 -31.69 1.97
CA GLY A 187 7.77 -30.80 3.09
C GLY A 187 8.69 -29.58 3.15
N ILE A 188 9.48 -29.33 2.10
CA ILE A 188 10.41 -28.19 2.11
C ILE A 188 10.24 -27.42 0.83
N LYS A 189 9.81 -26.17 0.95
CA LYS A 189 9.45 -25.37 -0.22
C LYS A 189 10.03 -23.96 -0.14
N ILE A 190 10.72 -23.53 -1.20
CA ILE A 190 11.29 -22.20 -1.27
C ILE A 190 10.20 -21.22 -1.64
N LEU A 191 10.12 -20.14 -0.86
CA LEU A 191 9.18 -19.06 -1.11
C LEU A 191 9.93 -17.89 -1.67
N ASN A 192 9.50 -17.39 -2.82
CA ASN A 192 10.18 -16.27 -3.44
C ASN A 192 9.43 -14.98 -3.10
N PHE A 193 10.01 -14.15 -2.22
CA PHE A 193 9.37 -12.91 -1.81
C PHE A 193 9.72 -11.75 -2.75
N GLY A 194 10.79 -11.93 -3.51
CA GLY A 194 11.23 -10.94 -4.47
C GLY A 194 11.92 -9.73 -3.85
N SER A 195 11.84 -8.59 -4.51
N SER A 195 11.76 -8.59 -4.51
CA SER A 195 12.55 -7.42 -4.01
CA SER A 195 12.35 -7.33 -4.11
C SER A 195 11.78 -6.77 -2.86
C SER A 195 11.72 -6.76 -2.82
N GLY A 196 12.54 -6.20 -1.93
CA GLY A 196 12.01 -5.59 -0.72
C GLY A 196 13.16 -5.11 0.11
N HIS A 197 13.47 -5.91 1.13
CA HIS A 197 14.63 -5.64 1.95
C HIS A 197 15.89 -5.57 1.13
N ALA A 198 15.98 -6.40 0.12
CA ALA A 198 17.11 -6.42 -0.80
C ALA A 198 16.60 -6.68 -2.21
N TRP A 199 17.47 -6.94 -3.17
CA TRP A 199 17.05 -7.18 -4.54
C TRP A 199 16.15 -8.38 -4.72
N GLY A 200 16.43 -9.46 -3.99
CA GLY A 200 15.70 -10.68 -4.12
C GLY A 200 15.77 -11.50 -2.85
N MET A 201 14.63 -11.60 -2.15
CA MET A 201 14.54 -12.33 -0.89
C MET A 201 13.90 -13.70 -1.06
N LEU A 202 14.54 -14.73 -0.50
CA LEU A 202 13.96 -16.08 -0.46
C LEU A 202 13.68 -16.47 0.99
N GLY A 203 12.54 -17.12 1.21
CA GLY A 203 12.23 -17.74 2.50
C GLY A 203 12.01 -19.23 2.30
N LEU A 204 11.67 -19.91 3.39
CA LEU A 204 11.48 -21.32 3.33
C LEU A 204 10.25 -21.70 4.11
N HIS A 205 9.45 -22.58 3.54
CA HIS A 205 8.38 -23.23 4.30
C HIS A 205 8.80 -24.67 4.59
N VAL A 206 8.73 -25.01 5.86
CA VAL A 206 9.10 -26.36 6.31
C VAL A 206 7.88 -26.96 6.98
N GLN A 207 7.54 -28.17 6.59
CA GLN A 207 6.43 -28.89 7.21
C GLN A 207 7.03 -30.03 8.01
N LEU A 208 6.99 -29.92 9.34
CA LEU A 208 7.48 -30.99 10.22
C LEU A 208 6.30 -31.81 10.75
N PRO A 209 6.48 -33.13 10.82
CA PRO A 209 5.41 -34.04 11.27
C PRO A 209 4.73 -33.67 12.57
N GLU A 210 5.51 -33.34 13.61
N GLU A 210 5.50 -33.26 13.58
CA GLU A 210 4.95 -33.02 14.92
CA GLU A 210 4.93 -33.04 14.91
C GLU A 210 4.65 -31.52 15.00
C GLU A 210 4.81 -31.57 15.29
N LYS A 211 5.67 -30.72 14.75
CA LYS A 211 5.62 -29.28 14.99
C LYS A 211 4.67 -28.54 14.04
N GLY A 212 4.47 -29.10 12.85
CA GLY A 212 3.66 -28.45 11.83
C GLY A 212 4.46 -27.47 10.96
N GLY A 213 3.78 -26.44 10.48
CA GLY A 213 4.38 -25.49 9.53
C GLY A 213 5.23 -24.42 10.18
N ILE A 214 6.35 -24.13 9.54
CA ILE A 214 7.26 -23.07 9.95
C ILE A 214 7.63 -22.31 8.67
N ILE A 215 7.52 -20.98 8.72
CA ILE A 215 8.07 -20.13 7.66
C ILE A 215 9.29 -19.41 8.17
N LEU A 216 10.39 -19.58 7.46
CA LEU A 216 11.64 -18.88 7.77
C LEU A 216 11.67 -17.60 6.91
N ALA A 217 11.52 -16.46 7.55
CA ALA A 217 11.36 -15.17 6.86
C ALA A 217 12.66 -14.44 6.61
N SER A 218 13.68 -14.76 7.39
CA SER A 218 14.93 -14.01 7.40
C SER A 218 14.63 -12.48 7.46
N ASP A 219 15.36 -11.69 6.68
CA ASP A 219 15.23 -10.23 6.75
C ASP A 219 13.98 -9.66 6.05
N ALA A 220 13.13 -10.50 5.47
CA ALA A 220 11.82 -10.04 5.02
C ALA A 220 11.00 -9.52 6.19
N VAL A 221 11.25 -10.04 7.39
CA VAL A 221 10.58 -9.54 8.60
C VAL A 221 11.56 -9.59 9.75
N TYR A 222 12.09 -8.45 10.16
CA TYR A 222 13.13 -8.45 11.19
C TYR A 222 12.62 -9.00 12.52
N SER A 223 11.43 -8.56 12.91
CA SER A 223 11.00 -8.81 14.28
C SER A 223 9.49 -8.80 14.37
N ALA A 224 8.94 -9.20 15.53
CA ALA A 224 7.48 -9.08 15.74
C ALA A 224 6.99 -7.63 15.62
N GLU A 225 7.81 -6.69 16.06
CA GLU A 225 7.47 -5.29 15.93
C GLU A 225 7.33 -4.89 14.46
N SER A 226 8.24 -5.36 13.60
CA SER A 226 8.15 -5.15 12.15
C SER A 226 6.85 -5.72 11.58
N TYR A 227 6.48 -6.90 12.06
CA TYR A 227 5.36 -7.67 11.55
C TYR A 227 4.02 -7.06 11.90
N GLY A 228 3.90 -6.48 13.10
CA GLY A 228 2.68 -5.81 13.52
C GLY A 228 1.51 -6.76 13.61
N PRO A 229 0.30 -6.33 13.20
CA PRO A 229 0.08 -4.98 12.65
C PRO A 229 0.18 -3.89 13.71
N PRO A 230 0.42 -2.64 13.30
CA PRO A 230 0.68 -2.31 11.90
C PRO A 230 2.11 -2.70 11.47
N ILE A 231 2.32 -2.95 10.16
CA ILE A 231 3.64 -3.23 9.61
C ILE A 231 4.55 -2.04 9.78
N LYS A 232 5.76 -2.25 10.29
CA LYS A 232 6.69 -1.15 10.49
C LYS A 232 7.96 -1.43 9.71
N PRO A 233 8.23 -0.62 8.67
CA PRO A 233 9.39 -0.92 7.84
C PRO A 233 10.71 -0.49 8.49
N PRO A 234 11.82 -1.02 7.98
CA PRO A 234 13.15 -0.67 8.45
C PRO A 234 13.57 0.73 8.01
N GLY A 235 14.61 1.26 8.65
CA GLY A 235 15.01 2.69 8.52
C GLY A 235 15.47 3.10 7.15
N ILE A 236 16.21 2.20 6.52
CA ILE A 236 16.52 2.38 5.12
C ILE A 236 16.06 1.10 4.47
N ILE A 237 15.23 1.25 3.45
CA ILE A 237 14.66 0.08 2.81
C ILE A 237 14.89 0.22 1.31
N TYR A 238 15.46 -0.82 0.69
CA TYR A 238 15.67 -0.81 -0.76
C TYR A 238 14.38 -0.64 -1.58
N ASP A 239 13.38 -1.50 -1.37
CA ASP A 239 12.12 -1.44 -2.12
C ASP A 239 10.97 -1.49 -1.11
N SER A 240 10.53 -0.30 -0.67
CA SER A 240 9.51 -0.19 0.38
C SER A 240 8.20 -0.85 -0.03
N LEU A 241 7.77 -0.70 -1.28
CA LEU A 241 6.49 -1.32 -1.69
C LEU A 241 6.64 -2.85 -1.67
N GLY A 242 7.78 -3.32 -2.16
CA GLY A 242 8.09 -4.75 -2.15
C GLY A 242 8.15 -5.30 -0.74
N PHE A 243 8.72 -4.52 0.17
CA PHE A 243 8.80 -4.91 1.58
C PHE A 243 7.40 -5.20 2.15
N VAL A 244 6.48 -4.25 1.93
CA VAL A 244 5.12 -4.40 2.45
C VAL A 244 4.41 -5.54 1.78
N ARG A 245 4.54 -5.68 0.46
CA ARG A 245 3.89 -6.77 -0.27
C ARG A 245 4.37 -8.14 0.28
N SER A 246 5.67 -8.23 0.53
CA SER A 246 6.29 -9.44 1.04
C SER A 246 5.78 -9.77 2.47
N VAL A 247 5.64 -8.76 3.33
CA VAL A 247 5.09 -9.01 4.66
C VAL A 247 3.67 -9.56 4.53
N GLU A 248 2.85 -8.95 3.69
N GLU A 248 2.88 -8.89 3.69
CA GLU A 248 1.49 -9.46 3.55
CA GLU A 248 1.51 -9.33 3.40
C GLU A 248 1.44 -10.83 2.89
C GLU A 248 1.49 -10.79 2.92
N LYS A 249 2.41 -11.15 2.02
CA LYS A 249 2.46 -12.50 1.45
C LYS A 249 2.75 -13.52 2.57
N ILE A 250 3.69 -13.19 3.43
CA ILE A 250 4.05 -14.07 4.56
C ILE A 250 2.85 -14.27 5.49
N LYS A 251 2.14 -13.19 5.79
CA LYS A 251 0.93 -13.31 6.62
C LYS A 251 -0.10 -14.22 5.97
N ARG A 252 -0.31 -14.06 4.66
CA ARG A 252 -1.26 -14.89 3.95
C ARG A 252 -0.87 -16.37 3.97
N ILE A 253 0.37 -16.66 3.65
CA ILE A 253 0.80 -18.03 3.62
C ILE A 253 0.73 -18.63 5.03
N ALA A 254 1.07 -17.86 6.04
CA ALA A 254 1.02 -18.36 7.42
C ALA A 254 -0.41 -18.72 7.83
N LYS A 255 -1.36 -17.90 7.43
CA LYS A 255 -2.77 -18.13 7.74
C LYS A 255 -3.28 -19.34 6.95
N GLU A 256 -2.98 -19.41 5.65
CA GLU A 256 -3.50 -20.49 4.79
C GLU A 256 -2.94 -21.84 5.15
N THR A 257 -1.73 -21.86 5.71
CA THR A 257 -1.03 -23.11 6.03
C THR A 257 -0.91 -23.34 7.53
N ASN A 258 -1.56 -22.51 8.36
CA ASN A 258 -1.38 -22.57 9.82
C ASN A 258 0.10 -22.73 10.23
N SER A 259 0.95 -21.85 9.74
CA SER A 259 2.36 -21.91 10.05
C SER A 259 2.81 -20.82 11.00
N GLU A 260 3.81 -21.16 11.81
N GLU A 260 3.87 -21.13 11.74
CA GLU A 260 4.53 -20.21 12.62
CA GLU A 260 4.48 -20.20 12.64
C GLU A 260 5.43 -19.43 11.70
C GLU A 260 5.60 -19.48 11.88
N VAL A 261 5.64 -18.15 11.99
CA VAL A 261 6.63 -17.35 11.30
C VAL A 261 7.86 -17.06 12.17
N TRP A 262 9.03 -17.43 11.67
CA TRP A 262 10.27 -17.21 12.37
C TRP A 262 10.96 -16.02 11.75
N PHE A 263 11.10 -14.96 12.55
CA PHE A 263 11.66 -13.72 12.09
C PHE A 263 13.17 -13.78 11.97
N GLY A 264 13.72 -12.86 11.20
CA GLY A 264 15.17 -12.84 11.01
C GLY A 264 15.95 -12.54 12.30
N HIS A 265 15.46 -11.63 13.12
CA HIS A 265 16.28 -11.10 14.20
C HIS A 265 15.49 -10.66 15.44
N ASP A 266 14.58 -11.48 15.92
CA ASP A 266 13.71 -11.11 17.04
C ASP A 266 14.31 -11.69 18.33
N SER A 267 14.88 -10.83 19.19
CA SER A 267 15.50 -11.31 20.43
C SER A 267 14.61 -12.18 21.29
N GLU A 268 13.39 -11.73 21.52
N GLU A 268 13.38 -11.78 21.51
CA GLU A 268 12.41 -12.46 22.35
CA GLU A 268 12.50 -12.53 22.41
C GLU A 268 12.05 -13.84 21.80
C GLU A 268 12.01 -13.86 21.81
N GLN A 269 11.80 -13.91 20.50
CA GLN A 269 11.43 -15.13 19.88
C GLN A 269 12.59 -16.10 19.91
N PHE A 270 13.78 -15.58 19.64
CA PHE A 270 14.95 -16.42 19.56
C PHE A 270 15.26 -17.05 20.94
N LYS A 271 15.08 -16.26 21.97
CA LYS A 271 15.26 -16.77 23.33
C LYS A 271 14.40 -17.99 23.57
N ARG A 272 13.18 -18.00 23.04
CA ARG A 272 12.25 -19.13 23.18
C ARG A 272 12.53 -20.35 22.29
N PHE A 273 13.35 -20.22 21.24
CA PHE A 273 13.69 -21.37 20.42
C PHE A 273 14.54 -22.41 21.19
N ARG A 274 14.32 -23.68 20.89
CA ARG A 274 15.23 -24.76 21.30
C ARG A 274 16.46 -24.68 20.38
N LYS A 275 17.64 -24.43 20.95
CA LYS A 275 18.87 -24.30 20.17
C LYS A 275 19.54 -25.62 19.94
N SER A 276 20.47 -25.64 18.99
CA SER A 276 21.10 -26.87 18.55
C SER A 276 21.90 -27.59 19.64
N THR A 277 22.31 -26.88 20.67
CA THR A 277 23.08 -27.50 21.75
C THR A 277 22.14 -28.22 22.72
N GLU A 278 20.87 -27.88 22.68
CA GLU A 278 19.87 -28.50 23.54
C GLU A 278 18.95 -29.50 22.85
N GLY A 279 18.79 -29.39 21.54
CA GLY A 279 17.89 -30.30 20.85
C GLY A 279 17.48 -29.82 19.48
N TYR A 280 16.32 -30.28 19.02
CA TYR A 280 15.85 -29.99 17.68
C TYR A 280 14.35 -30.01 17.66
N TYR A 281 13.83 -29.53 16.55
CA TYR A 281 12.43 -29.58 16.29
C TYR A 281 12.14 -30.80 15.40
N GLU A 282 10.76 -31.52 15.39
N GLU A 282 10.47 -31.49 15.48
CA GLU A 282 10.38 -32.62 14.48
CA GLU A 282 10.30 -32.61 14.53
C GLU A 282 8.87 -32.52 14.29
C GLU A 282 8.82 -32.74 14.20
N GLN B 8 4.68 39.05 -20.63
CA GLN B 8 5.91 38.29 -20.16
C GLN B 8 5.70 37.78 -18.71
N PRO B 9 5.88 36.47 -18.46
CA PRO B 9 5.50 36.05 -17.11
C PRO B 9 6.36 36.56 -15.96
N LYS B 10 5.77 36.59 -14.78
CA LYS B 10 6.50 36.90 -13.56
C LYS B 10 6.31 35.74 -12.59
N LEU B 11 7.37 35.38 -11.88
CA LEU B 11 7.27 34.31 -10.88
C LEU B 11 7.65 34.84 -9.51
N TYR B 12 6.79 34.58 -8.53
CA TYR B 12 7.02 34.99 -7.18
C TYR B 12 7.20 33.81 -6.24
N VAL B 13 8.14 33.94 -5.31
CA VAL B 13 8.31 32.97 -4.23
C VAL B 13 7.70 33.54 -2.96
N MET B 14 6.69 32.86 -2.41
CA MET B 14 5.97 33.35 -1.26
C MET B 14 6.41 32.59 -0.02
N ASP B 15 6.91 33.31 0.97
CA ASP B 15 7.40 32.75 2.22
C ASP B 15 6.22 32.44 3.16
N ASN B 16 5.98 31.16 3.39
CA ASN B 16 4.84 30.73 4.19
C ASN B 16 5.31 30.12 5.52
N GLY B 17 6.41 30.60 6.04
CA GLY B 17 6.78 30.24 7.40
C GLY B 17 7.79 29.12 7.45
N ARG B 18 7.92 28.54 8.63
CA ARG B 18 9.01 27.61 8.90
C ARG B 18 8.44 26.43 9.66
N MET B 19 9.00 25.25 9.41
CA MET B 19 8.59 24.07 10.12
C MET B 19 9.86 23.44 10.69
N ARG B 20 9.68 22.68 11.76
CA ARG B 20 10.77 21.92 12.34
C ARG B 20 10.39 20.46 12.37
N MET B 21 11.41 19.62 12.29
CA MET B 21 11.17 18.19 12.47
C MET B 21 12.51 17.47 12.66
N ASP B 22 12.38 16.22 13.07
CA ASP B 22 13.54 15.31 13.22
C ASP B 22 14.29 15.27 11.89
N LYS B 23 15.58 15.51 11.93
CA LYS B 23 16.36 15.48 10.72
C LYS B 23 16.29 14.12 10.05
N ASN B 24 16.05 13.07 10.84
CA ASN B 24 15.89 11.74 10.24
C ASN B 24 14.75 11.65 9.24
N TRP B 25 13.73 12.49 9.38
CA TRP B 25 12.65 12.50 8.41
C TRP B 25 13.15 12.99 7.09
N MET B 26 14.06 13.98 7.12
CA MET B 26 14.57 14.58 5.89
C MET B 26 15.65 13.73 5.26
N ILE B 27 16.58 13.25 6.08
CA ILE B 27 17.70 12.42 5.60
C ILE B 27 17.77 11.16 6.45
N ALA B 28 17.27 10.07 5.88
CA ALA B 28 17.18 8.78 6.60
C ALA B 28 18.54 8.42 7.17
N MET B 29 18.54 7.99 8.43
CA MET B 29 19.73 7.53 9.12
C MET B 29 20.91 8.47 8.96
N HIS B 30 20.68 9.76 9.15
CA HIS B 30 21.72 10.75 8.96
C HIS B 30 22.88 10.67 9.95
N ASN B 31 22.65 10.11 11.14
CA ASN B 31 23.70 10.03 12.15
C ASN B 31 23.48 8.81 13.01
N PRO B 32 23.77 7.63 12.47
CA PRO B 32 23.47 6.39 13.17
C PRO B 32 24.33 6.14 14.40
N ALA B 33 23.70 5.51 15.38
CA ALA B 33 24.36 5.09 16.59
C ALA B 33 25.54 4.20 16.23
N THR B 34 26.59 4.33 17.02
CA THR B 34 27.78 3.53 16.86
C THR B 34 28.16 3.03 18.22
N ILE B 35 29.20 2.22 18.21
CA ILE B 35 29.72 1.67 19.43
C ILE B 35 30.24 2.85 20.31
N ALA B 36 30.91 3.83 19.70
CA ALA B 36 31.35 5.05 20.43
C ALA B 36 30.19 5.98 20.86
N ASN B 37 29.06 5.94 20.14
CA ASN B 37 27.94 6.84 20.36
C ASN B 37 26.61 6.10 20.27
N PRO B 38 26.32 5.23 21.26
CA PRO B 38 25.17 4.30 21.25
C PRO B 38 23.80 4.91 21.41
N ASN B 39 23.71 6.07 22.03
CA ASN B 39 22.42 6.74 22.21
C ASN B 39 22.40 8.03 21.39
N ALA B 40 22.96 7.95 20.19
CA ALA B 40 23.16 9.12 19.32
C ALA B 40 21.92 10.04 19.25
N PRO B 41 22.14 11.33 19.56
CA PRO B 41 21.04 12.30 19.57
C PRO B 41 20.71 12.73 18.16
N THR B 42 19.44 12.89 17.84
CA THR B 42 19.09 13.52 16.56
C THR B 42 19.00 15.05 16.74
N GLU B 43 18.72 15.76 15.64
CA GLU B 43 18.59 17.21 15.62
C GLU B 43 17.16 17.54 15.18
N PHE B 44 16.61 18.65 15.65
CA PHE B 44 15.31 19.13 15.23
C PHE B 44 15.65 20.25 14.28
N ILE B 45 15.59 19.99 12.97
CA ILE B 45 15.98 21.00 11.98
C ILE B 45 14.81 21.91 11.60
N GLU B 46 15.15 23.09 11.12
CA GLU B 46 14.15 24.06 10.67
C GLU B 46 14.30 24.28 9.20
N PHE B 47 13.17 24.44 8.51
CA PHE B 47 13.21 24.62 7.08
C PHE B 47 11.98 25.42 6.61
N PRO B 48 12.04 25.99 5.40
CA PRO B 48 10.97 26.86 4.93
C PRO B 48 9.82 26.11 4.28
N ILE B 49 8.63 26.67 4.38
CA ILE B 49 7.45 26.21 3.69
C ILE B 49 7.21 27.34 2.72
N TYR B 50 7.14 27.04 1.42
CA TYR B 50 6.88 28.12 0.43
C TYR B 50 5.96 27.67 -0.68
N THR B 51 5.46 28.66 -1.41
CA THR B 51 4.59 28.47 -2.53
C THR B 51 5.11 29.35 -3.67
N VAL B 52 4.68 29.06 -4.89
CA VAL B 52 5.17 29.84 -6.04
C VAL B 52 3.98 30.28 -6.88
N LEU B 53 3.90 31.58 -7.18
CA LEU B 53 2.86 32.10 -8.06
C LEU B 53 3.47 32.51 -9.36
N ILE B 54 2.92 32.03 -10.46
CA ILE B 54 3.36 32.48 -11.78
C ILE B 54 2.25 33.33 -12.36
N ASP B 55 2.55 34.62 -12.52
CA ASP B 55 1.62 35.54 -13.19
C ASP B 55 1.92 35.46 -14.67
N HIS B 56 1.10 34.70 -15.36
CA HIS B 56 1.27 34.40 -16.76
C HIS B 56 0.12 35.06 -17.56
N PRO B 57 0.39 35.55 -18.77
CA PRO B 57 -0.71 36.14 -19.55
C PRO B 57 -1.91 35.23 -19.79
N GLU B 58 -1.70 33.92 -19.89
CA GLU B 58 -2.78 32.98 -20.08
C GLU B 58 -3.56 32.68 -18.80
N GLY B 59 -3.12 33.23 -17.68
CA GLY B 59 -3.80 33.01 -16.42
C GLY B 59 -2.83 32.66 -15.29
N LYS B 60 -3.21 33.00 -14.09
CA LYS B 60 -2.33 32.84 -12.94
C LYS B 60 -2.29 31.38 -12.48
N ILE B 61 -1.09 30.91 -12.19
CA ILE B 61 -0.86 29.55 -11.80
C ILE B 61 -0.16 29.55 -10.44
N LEU B 62 -0.72 28.79 -9.51
CA LEU B 62 -0.15 28.67 -8.18
C LEU B 62 0.38 27.24 -7.98
N PHE B 63 1.63 27.12 -7.55
CA PHE B 63 2.22 25.81 -7.28
C PHE B 63 2.32 25.65 -5.80
N ASP B 64 1.56 24.70 -5.26
CA ASP B 64 1.47 24.41 -3.82
C ASP B 64 0.69 25.50 -3.06
N THR B 65 0.30 25.19 -1.82
CA THR B 65 -0.58 26.07 -1.03
C THR B 65 -0.20 26.20 0.44
N SER B 66 0.94 25.64 0.85
CA SER B 66 1.45 25.76 2.22
C SER B 66 0.50 25.09 3.22
N CYS B 67 0.43 25.59 4.45
CA CYS B 67 -0.35 25.00 5.51
C CYS B 67 -1.54 25.87 5.81
N ASN B 68 -2.63 25.26 6.29
CA ASN B 68 -3.79 26.06 6.61
C ASN B 68 -3.51 26.91 7.85
N PRO B 69 -4.02 28.14 7.87
CA PRO B 69 -3.86 28.94 9.12
C PRO B 69 -4.44 28.29 10.39
N ASP B 70 -5.44 27.45 10.25
CA ASP B 70 -6.05 26.75 11.39
C ASP B 70 -5.36 25.41 11.71
N SER B 71 -4.09 25.26 11.32
CA SER B 71 -3.34 24.00 11.50
C SER B 71 -2.96 23.74 12.96
N MET B 72 -2.30 24.70 13.56
CA MET B 72 -1.65 24.53 14.87
C MET B 72 -2.48 25.06 16.03
N GLY B 73 -2.13 24.62 17.23
CA GLY B 73 -2.71 25.20 18.44
C GLY B 73 -3.92 24.44 18.94
N ALA B 74 -4.58 24.99 19.93
CA ALA B 74 -5.64 24.25 20.62
C ALA B 74 -6.89 23.98 19.77
N GLN B 75 -7.18 24.86 18.81
CA GLN B 75 -8.26 24.62 17.89
C GLN B 75 -7.74 23.97 16.59
N GLY B 76 -6.46 23.65 16.54
CA GLY B 76 -5.83 23.22 15.27
C GLY B 76 -6.41 21.97 14.63
N ARG B 77 -6.39 21.92 13.31
CA ARG B 77 -6.81 20.72 12.60
C ARG B 77 -5.74 19.62 12.66
N TRP B 78 -4.48 20.00 12.79
CA TRP B 78 -3.45 18.97 12.90
C TRP B 78 -3.60 18.27 14.25
N GLY B 79 -3.49 16.94 14.24
CA GLY B 79 -3.50 16.15 15.48
C GLY B 79 -2.39 16.54 16.42
N GLU B 80 -2.59 16.29 17.72
N GLU B 80 -2.58 16.28 17.71
CA GLU B 80 -1.60 16.68 18.72
CA GLU B 80 -1.60 16.70 18.71
C GLU B 80 -0.20 16.11 18.45
C GLU B 80 -0.20 16.10 18.47
N ALA B 81 -0.12 14.84 18.07
CA ALA B 81 1.19 14.25 17.81
C ALA B 81 1.84 14.91 16.58
N THR B 82 1.02 15.17 15.58
CA THR B 82 1.50 15.78 14.36
C THR B 82 2.03 17.18 14.63
N GLN B 83 1.30 17.95 15.42
CA GLN B 83 1.78 19.25 15.83
C GLN B 83 3.10 19.19 16.58
N SER B 84 3.28 18.16 17.40
N SER B 84 3.30 18.17 17.40
CA SER B 84 4.51 18.03 18.20
CA SER B 84 4.54 18.05 18.18
C SER B 84 5.74 17.63 17.37
C SER B 84 5.74 17.63 17.35
N MET B 85 5.50 16.92 16.25
CA MET B 85 6.60 16.42 15.43
C MET B 85 6.96 17.27 14.23
N PHE B 86 5.99 18.05 13.76
CA PHE B 86 6.14 18.88 12.56
C PHE B 86 5.60 20.30 12.82
N PRO B 87 5.95 20.90 13.95
CA PRO B 87 5.40 22.23 14.29
C PRO B 87 5.67 23.28 13.24
N TRP B 88 4.64 24.00 12.84
CA TRP B 88 4.74 25.08 11.88
C TRP B 88 4.60 26.41 12.62
N THR B 89 5.56 27.29 12.39
CA THR B 89 5.61 28.63 12.94
C THR B 89 5.44 29.60 11.79
N ALA B 90 4.39 30.42 11.90
CA ALA B 90 4.10 31.39 10.84
C ALA B 90 3.37 32.60 11.43
N SER B 91 3.92 33.76 11.20
CA SER B 91 3.21 35.01 11.51
C SER B 91 2.07 35.20 10.48
N GLU B 92 1.10 36.05 10.81
N GLU B 92 1.11 36.06 10.82
CA GLU B 92 -0.03 36.31 9.92
CA GLU B 92 -0.02 36.38 9.94
C GLU B 92 0.39 36.66 8.50
C GLU B 92 0.41 36.64 8.51
N GLU B 93 1.46 37.43 8.35
CA GLU B 93 1.88 37.87 7.03
C GLU B 93 2.38 36.69 6.16
N CYS B 94 2.73 35.58 6.81
CA CYS B 94 3.15 34.36 6.10
C CYS B 94 2.01 33.53 5.56
N TYR B 95 0.80 33.72 6.07
CA TYR B 95 -0.34 32.92 5.61
C TYR B 95 -0.54 33.19 4.12
N LEU B 96 -0.87 32.16 3.39
CA LEU B 96 -0.97 32.26 1.96
C LEU B 96 -1.98 33.35 1.53
N HIS B 97 -3.12 33.43 2.20
CA HIS B 97 -4.13 34.43 1.80
C HIS B 97 -3.59 35.86 1.94
N ASN B 98 -2.73 36.06 2.92
CA ASN B 98 -2.09 37.37 3.07
C ASN B 98 -0.97 37.60 2.09
N ARG B 99 -0.21 36.55 1.77
CA ARG B 99 0.82 36.71 0.76
C ARG B 99 0.20 37.07 -0.58
N LEU B 100 -0.92 36.48 -0.93
CA LEU B 100 -1.58 36.78 -2.21
C LEU B 100 -2.21 38.20 -2.18
N GLU B 101 -2.84 38.56 -1.08
CA GLU B 101 -3.31 39.94 -0.90
C GLU B 101 -2.19 40.99 -1.06
N GLN B 102 -1.02 40.76 -0.46
CA GLN B 102 0.15 41.63 -0.61
C GLN B 102 0.52 41.78 -2.09
N LEU B 103 0.22 40.78 -2.91
CA LEU B 103 0.51 40.82 -4.35
C LEU B 103 -0.69 41.32 -5.15
N LYS B 104 -1.76 41.66 -4.44
CA LYS B 104 -3.00 42.12 -5.07
C LYS B 104 -3.63 41.05 -5.94
N VAL B 105 -3.54 39.80 -5.47
CA VAL B 105 -4.12 38.69 -6.20
C VAL B 105 -5.21 38.13 -5.33
N ARG B 106 -6.40 38.02 -5.89
CA ARG B 106 -7.50 37.38 -5.20
C ARG B 106 -7.41 35.86 -5.43
N PRO B 107 -7.88 35.09 -4.47
CA PRO B 107 -8.00 33.65 -4.70
C PRO B 107 -8.80 33.33 -5.96
N GLU B 108 -9.84 34.12 -6.23
CA GLU B 108 -10.68 33.96 -7.41
C GLU B 108 -9.94 34.20 -8.73
N ASP B 109 -8.84 34.94 -8.68
CA ASP B 109 -8.05 35.23 -9.86
C ASP B 109 -7.16 34.05 -10.29
N ILE B 110 -7.03 33.04 -9.44
CA ILE B 110 -6.14 31.90 -9.76
C ILE B 110 -6.82 30.94 -10.73
N LYS B 111 -6.21 30.68 -11.88
CA LYS B 111 -6.78 29.78 -12.88
C LYS B 111 -6.47 28.30 -12.59
N PHE B 112 -5.23 28.04 -12.21
CA PHE B 112 -4.77 26.68 -11.91
C PHE B 112 -4.02 26.66 -10.59
N VAL B 113 -4.37 25.69 -9.75
CA VAL B 113 -3.56 25.35 -8.58
C VAL B 113 -2.97 23.94 -8.79
N ILE B 114 -1.66 23.84 -8.71
CA ILE B 114 -0.97 22.54 -8.81
C ILE B 114 -0.68 22.03 -7.41
N ALA B 115 -1.33 20.95 -7.01
CA ALA B 115 -1.05 20.30 -5.74
C ALA B 115 0.07 19.28 -6.00
N SER B 116 1.31 19.64 -5.64
CA SER B 116 2.43 18.73 -5.84
C SER B 116 2.11 17.36 -5.26
N HIS B 117 1.50 17.40 -4.09
CA HIS B 117 0.91 16.24 -3.44
C HIS B 117 -0.04 16.75 -2.37
N LEU B 118 -0.61 15.89 -1.54
CA LEU B 118 -1.67 16.36 -0.63
C LEU B 118 -1.29 16.37 0.87
N HIS B 119 0.01 16.43 1.14
CA HIS B 119 0.53 16.55 2.49
C HIS B 119 0.14 17.87 3.15
N LEU B 120 0.17 17.85 4.46
CA LEU B 120 -0.23 18.98 5.32
C LEU B 120 0.43 20.32 4.98
N ASP B 121 1.66 20.28 4.43
CA ASP B 121 2.43 21.52 4.18
C ASP B 121 2.39 21.98 2.70
N HIS B 122 1.59 21.30 1.88
CA HIS B 122 1.45 21.67 0.48
C HIS B 122 0.02 21.85 0.05
N ALA B 123 -0.92 21.20 0.73
CA ALA B 123 -2.31 21.25 0.32
C ALA B 123 -3.19 21.96 1.33
N GLY B 124 -2.56 22.61 2.30
CA GLY B 124 -3.26 23.23 3.43
C GLY B 124 -4.29 24.27 3.06
N CYS B 125 -4.09 24.96 1.94
CA CYS B 125 -5.03 26.03 1.60
C CYS B 125 -5.77 25.80 0.29
N LEU B 126 -5.84 24.56 -0.17
CA LEU B 126 -6.63 24.29 -1.36
C LEU B 126 -8.05 24.81 -1.25
N GLU B 127 -8.62 24.77 -0.05
CA GLU B 127 -10.03 25.16 0.13
C GLU B 127 -10.33 26.61 -0.27
N MET B 128 -9.30 27.45 -0.34
CA MET B 128 -9.47 28.86 -0.72
C MET B 128 -9.80 29.06 -2.20
N PHE B 129 -9.47 28.08 -3.02
CA PHE B 129 -9.51 28.25 -4.48
C PHE B 129 -10.70 27.56 -5.13
N THR B 130 -11.87 28.17 -4.95
CA THR B 130 -13.12 27.55 -5.36
C THR B 130 -13.48 27.85 -6.82
N ASN B 131 -12.73 28.70 -7.49
CA ASN B 131 -12.89 28.99 -8.92
C ASN B 131 -11.76 28.46 -9.79
N ALA B 132 -10.71 27.93 -9.16
CA ALA B 132 -9.57 27.41 -9.91
C ALA B 132 -9.75 25.93 -10.28
N THR B 133 -9.01 25.50 -11.28
CA THR B 133 -8.88 24.08 -11.55
C THR B 133 -7.73 23.55 -10.64
N ILE B 134 -8.04 22.54 -9.82
CA ILE B 134 -7.07 22.02 -8.84
C ILE B 134 -6.46 20.77 -9.44
N ILE B 135 -5.18 20.81 -9.75
CA ILE B 135 -4.55 19.71 -10.47
C ILE B 135 -3.78 18.84 -9.49
N VAL B 136 -4.08 17.54 -9.50
CA VAL B 136 -3.46 16.63 -8.55
C VAL B 136 -3.32 15.26 -9.19
N HIS B 137 -2.35 14.48 -8.73
CA HIS B 137 -2.13 13.14 -9.26
C HIS B 137 -3.32 12.28 -8.79
N GLU B 138 -3.90 11.50 -9.72
CA GLU B 138 -5.06 10.66 -9.37
C GLU B 138 -4.82 9.73 -8.19
N ASP B 139 -3.63 9.15 -8.08
CA ASP B 139 -3.38 8.23 -6.97
C ASP B 139 -3.15 8.93 -5.64
N GLU B 140 -2.62 10.14 -5.70
CA GLU B 140 -2.46 10.96 -4.51
C GLU B 140 -3.86 11.32 -3.97
N PHE B 141 -4.76 11.70 -4.88
CA PHE B 141 -6.16 12.01 -4.54
C PHE B 141 -6.84 10.82 -3.87
N SER B 142 -6.73 9.65 -4.47
CA SER B 142 -7.31 8.43 -3.90
C SER B 142 -6.79 8.13 -2.53
N GLY B 143 -5.46 8.17 -2.37
CA GLY B 143 -4.85 7.83 -1.11
C GLY B 143 -5.28 8.76 0.02
N ALA B 144 -5.27 10.06 -0.26
CA ALA B 144 -5.69 11.06 0.72
C ALA B 144 -7.16 10.85 1.12
N LEU B 145 -8.03 10.58 0.15
CA LEU B 145 -9.44 10.37 0.44
C LEU B 145 -9.68 9.13 1.30
N GLN B 146 -8.91 8.07 1.07
CA GLN B 146 -9.01 6.88 1.93
C GLN B 146 -8.68 7.22 3.39
N THR B 147 -7.71 8.11 3.61
CA THR B 147 -7.33 8.45 4.98
C THR B 147 -8.49 9.16 5.64
N TYR B 148 -9.15 10.02 4.87
CA TYR B 148 -10.31 10.74 5.37
C TYR B 148 -11.47 9.77 5.69
N ALA B 149 -11.68 8.79 4.82
CA ALA B 149 -12.74 7.82 5.04
C ALA B 149 -12.47 6.97 6.30
N ARG B 150 -11.20 6.75 6.62
N ARG B 150 -11.21 6.76 6.61
CA ARG B 150 -10.80 6.01 7.81
CA ARG B 150 -10.83 6.00 7.80
C ARG B 150 -10.72 6.88 9.06
C ARG B 150 -10.69 6.88 9.05
N ASN B 151 -11.08 8.15 8.93
CA ASN B 151 -11.13 9.08 10.07
C ASN B 151 -9.80 9.20 10.80
N GLN B 152 -8.71 9.22 10.03
CA GLN B 152 -7.37 9.31 10.59
C GLN B 152 -7.13 10.75 11.04
N THR B 153 -6.97 10.94 12.35
CA THR B 153 -6.83 12.26 12.93
C THR B 153 -5.37 12.64 13.20
N GLU B 154 -4.45 11.71 12.93
CA GLU B 154 -3.03 11.99 13.04
C GLU B 154 -2.37 11.68 11.70
N GLY B 155 -1.24 12.31 11.43
CA GLY B 155 -0.47 11.97 10.24
C GLY B 155 -0.35 13.13 9.27
N ALA B 156 0.20 12.86 8.09
CA ALA B 156 0.54 13.94 7.16
C ALA B 156 -0.59 14.34 6.24
N TYR B 157 -1.71 13.60 6.28
CA TYR B 157 -2.91 13.96 5.56
C TYR B 157 -3.90 14.44 6.60
N ILE B 158 -4.30 15.69 6.48
CA ILE B 158 -5.08 16.37 7.52
C ILE B 158 -6.59 16.24 7.30
N TRP B 159 -7.24 15.53 8.21
CA TRP B 159 -8.65 15.20 8.09
C TRP B 159 -9.48 16.48 7.86
N GLY B 160 -9.26 17.49 8.69
CA GLY B 160 -10.00 18.74 8.57
C GLY B 160 -9.76 19.53 7.30
N ASP B 161 -8.58 19.40 6.69
CA ASP B 161 -8.32 20.07 5.40
C ASP B 161 -9.11 19.36 4.32
N ILE B 162 -9.03 18.03 4.30
CA ILE B 162 -9.78 17.24 3.33
C ILE B 162 -11.28 17.49 3.42
N ASP B 163 -11.78 17.55 4.65
CA ASP B 163 -13.18 17.84 4.92
C ASP B 163 -13.58 19.19 4.28
N ALA B 164 -12.73 20.19 4.41
CA ALA B 164 -12.98 21.49 3.78
C ALA B 164 -12.89 21.46 2.25
N TRP B 165 -11.99 20.67 1.68
CA TRP B 165 -11.95 20.58 0.21
C TRP B 165 -13.26 20.02 -0.27
N ILE B 166 -13.81 19.05 0.46
CA ILE B 166 -15.04 18.41 0.03
C ILE B 166 -16.23 19.36 0.17
N LYS B 167 -16.30 20.04 1.31
CA LYS B 167 -17.38 20.99 1.53
C LYS B 167 -17.37 22.15 0.57
N ASN B 168 -16.20 22.58 0.14
CA ASN B 168 -16.09 23.72 -0.76
C ASN B 168 -16.21 23.35 -2.25
N ASN B 169 -16.45 22.07 -2.54
CA ASN B 169 -16.72 21.60 -3.90
C ASN B 169 -15.72 22.12 -4.94
N LEU B 170 -14.45 21.76 -4.77
CA LEU B 170 -13.39 22.24 -5.63
C LEU B 170 -13.48 21.58 -7.00
N ASN B 171 -12.89 22.24 -7.99
N ASN B 171 -12.94 22.26 -8.02
CA ASN B 171 -12.90 21.77 -9.36
CA ASN B 171 -12.91 21.72 -9.39
C ASN B 171 -11.65 20.93 -9.67
C ASN B 171 -11.61 20.94 -9.58
N TRP B 172 -11.67 19.66 -9.26
CA TRP B 172 -10.51 18.80 -9.40
C TRP B 172 -10.24 18.38 -10.84
N ARG B 173 -8.98 18.40 -11.22
CA ARG B 173 -8.54 17.71 -12.42
C ARG B 173 -7.43 16.74 -12.00
N THR B 174 -7.67 15.45 -12.20
CA THR B 174 -6.63 14.48 -11.84
C THR B 174 -5.71 14.18 -13.02
N ILE B 175 -4.42 14.22 -12.75
CA ILE B 175 -3.40 13.79 -13.70
C ILE B 175 -3.37 12.27 -13.60
N LYS B 176 -3.52 11.62 -14.75
CA LYS B 176 -3.55 10.16 -14.79
C LYS B 176 -2.12 9.62 -14.67
N ARG B 177 -1.99 8.41 -14.16
CA ARG B 177 -0.69 7.92 -13.75
C ARG B 177 0.28 7.72 -14.91
N ASP B 178 -0.26 7.62 -16.13
CA ASP B 178 0.61 7.51 -17.32
C ASP B 178 0.80 8.82 -18.10
N GLU B 179 0.17 9.91 -17.66
CA GLU B 179 0.27 11.21 -18.33
C GLU B 179 1.55 11.89 -17.88
N ASP B 180 2.19 12.66 -18.74
CA ASP B 180 3.38 13.39 -18.32
C ASP B 180 3.54 14.60 -19.21
N ASN B 181 4.40 15.53 -18.81
CA ASN B 181 4.73 16.70 -19.61
C ASN B 181 3.48 17.42 -20.10
N ILE B 182 2.60 17.76 -19.16
CA ILE B 182 1.32 18.36 -19.41
C ILE B 182 1.46 19.87 -19.54
N VAL B 183 1.23 20.38 -20.75
CA VAL B 183 1.38 21.79 -21.02
C VAL B 183 0.16 22.55 -20.48
N LEU B 184 0.39 23.49 -19.57
CA LEU B 184 -0.68 24.29 -19.01
C LEU B 184 -0.78 25.63 -19.71
N ALA B 185 0.36 26.12 -20.15
CA ALA B 185 0.48 27.42 -20.84
C ALA B 185 1.85 27.51 -21.46
N GLU B 186 2.08 28.53 -22.28
CA GLU B 186 3.37 28.66 -22.93
C GLU B 186 4.48 28.66 -21.88
N GLY B 187 5.39 27.69 -21.97
CA GLY B 187 6.51 27.63 -21.05
C GLY B 187 6.21 27.11 -19.66
N ILE B 188 5.02 26.55 -19.46
CA ILE B 188 4.62 25.97 -18.17
C ILE B 188 4.19 24.53 -18.41
N LYS B 189 4.89 23.59 -17.79
CA LYS B 189 4.64 22.19 -18.04
C LYS B 189 4.66 21.40 -16.73
N ILE B 190 3.61 20.62 -16.49
CA ILE B 190 3.55 19.75 -15.32
C ILE B 190 4.39 18.49 -15.56
N LEU B 191 5.24 18.16 -14.60
CA LEU B 191 6.07 16.98 -14.65
C LEU B 191 5.44 15.96 -13.70
N ASN B 192 5.11 14.79 -14.23
CA ASN B 192 4.53 13.73 -13.38
C ASN B 192 5.63 12.79 -12.91
N PHE B 193 6.01 12.91 -11.65
CA PHE B 193 7.07 12.06 -11.08
C PHE B 193 6.53 10.72 -10.59
N GLY B 194 5.24 10.66 -10.34
CA GLY B 194 4.59 9.41 -9.91
C GLY B 194 4.86 9.11 -8.43
N SER B 195 4.76 7.83 -8.04
CA SER B 195 4.97 7.45 -6.65
C SER B 195 6.43 7.56 -6.21
N GLY B 196 6.62 7.99 -4.99
CA GLY B 196 7.93 8.08 -4.40
C GLY B 196 7.74 8.54 -2.98
N HIS B 197 8.01 9.82 -2.76
CA HIS B 197 7.75 10.44 -1.46
C HIS B 197 6.33 10.19 -1.00
N ALA B 198 5.39 10.27 -1.93
CA ALA B 198 3.98 10.04 -1.63
C ALA B 198 3.39 9.22 -2.76
N TRP B 199 2.06 9.10 -2.81
CA TRP B 199 1.42 8.25 -3.80
C TRP B 199 1.59 8.79 -5.22
N GLY B 200 1.58 10.09 -5.38
CA GLY B 200 1.65 10.66 -6.71
C GLY B 200 2.16 12.09 -6.64
N MET B 201 3.38 12.30 -7.13
CA MET B 201 4.07 13.59 -6.98
C MET B 201 4.11 14.34 -8.31
N LEU B 202 3.69 15.60 -8.28
CA LEU B 202 3.76 16.47 -9.48
C LEU B 202 4.76 17.58 -9.24
N GLY B 203 5.54 17.90 -10.28
CA GLY B 203 6.43 19.04 -10.26
C GLY B 203 6.04 19.97 -11.40
N LEU B 204 6.80 21.03 -11.57
CA LEU B 204 6.53 22.02 -12.61
C LEU B 204 7.81 22.44 -13.28
N HIS B 205 7.79 22.52 -14.59
CA HIS B 205 8.89 23.15 -15.31
C HIS B 205 8.39 24.51 -15.81
N VAL B 206 9.16 25.56 -15.51
CA VAL B 206 8.80 26.90 -15.91
C VAL B 206 9.94 27.43 -16.76
N GLN B 207 9.61 27.93 -17.95
CA GLN B 207 10.60 28.55 -18.82
C GLN B 207 10.37 30.05 -18.77
N LEU B 208 11.27 30.80 -18.12
CA LEU B 208 11.15 32.24 -18.07
C LEU B 208 12.12 32.89 -19.10
N PRO B 209 11.67 33.95 -19.77
CA PRO B 209 12.46 34.62 -20.80
C PRO B 209 13.88 35.01 -20.40
N GLU B 210 14.05 35.50 -19.18
CA GLU B 210 15.34 36.00 -18.73
C GLU B 210 16.07 34.95 -17.88
N LYS B 211 15.38 34.41 -16.89
CA LYS B 211 15.99 33.48 -15.94
C LYS B 211 16.24 32.10 -16.56
N GLY B 212 15.46 31.74 -17.57
CA GLY B 212 15.57 30.43 -18.18
C GLY B 212 14.72 29.38 -17.45
N GLY B 213 15.20 28.14 -17.43
CA GLY B 213 14.43 27.01 -16.94
C GLY B 213 14.52 26.82 -15.43
N ILE B 214 13.37 26.54 -14.84
CA ILE B 214 13.28 26.24 -13.41
C ILE B 214 12.42 24.99 -13.24
N ILE B 215 12.89 24.06 -12.40
CA ILE B 215 12.08 22.90 -12.06
C ILE B 215 11.69 23.00 -10.61
N LEU B 216 10.38 23.03 -10.36
CA LEU B 216 9.87 22.99 -9.01
C LEU B 216 9.67 21.51 -8.60
N ALA B 217 10.50 21.06 -7.68
CA ALA B 217 10.50 19.67 -7.26
C ALA B 217 9.59 19.35 -6.11
N SER B 218 9.29 20.34 -5.27
CA SER B 218 8.54 20.08 -4.04
C SER B 218 9.22 18.94 -3.25
N ASP B 219 8.45 18.06 -2.63
CA ASP B 219 9.02 17.04 -1.75
C ASP B 219 9.60 15.84 -2.53
N ALA B 220 9.56 15.87 -3.87
CA ALA B 220 10.31 14.88 -4.61
C ALA B 220 11.83 15.03 -4.32
N VAL B 221 12.28 16.24 -3.98
CA VAL B 221 13.64 16.46 -3.52
C VAL B 221 13.64 17.47 -2.38
N TYR B 222 13.83 17.00 -1.14
CA TYR B 222 13.69 17.92 -0.01
C TYR B 222 14.77 19.00 -0.01
N SER B 223 16.01 18.61 -0.32
CA SER B 223 17.15 19.50 -0.16
C SER B 223 18.34 19.11 -1.02
N ALA B 224 19.36 19.97 -1.04
CA ALA B 224 20.56 19.68 -1.79
C ALA B 224 21.23 18.41 -1.25
N GLU B 225 21.10 18.18 0.04
CA GLU B 225 21.67 16.98 0.63
C GLU B 225 20.95 15.73 0.11
N SER B 226 19.63 15.81 -0.07
CA SER B 226 18.83 14.73 -0.67
C SER B 226 19.30 14.43 -2.09
N TYR B 227 19.54 15.50 -2.83
CA TYR B 227 19.87 15.47 -4.26
C TYR B 227 21.26 14.88 -4.55
N GLY B 228 22.23 15.13 -3.69
CA GLY B 228 23.56 14.55 -3.84
C GLY B 228 24.23 14.99 -5.13
N PRO B 229 24.96 14.08 -5.79
CA PRO B 229 25.15 12.72 -5.31
C PRO B 229 25.99 12.60 -4.03
N PRO B 230 25.87 11.49 -3.32
CA PRO B 230 24.89 10.47 -3.65
C PRO B 230 23.49 10.88 -3.19
N ILE B 231 22.49 10.26 -3.80
CA ILE B 231 21.10 10.55 -3.45
C ILE B 231 20.85 10.01 -2.06
N LYS B 232 20.22 10.82 -1.20
CA LYS B 232 19.90 10.40 0.14
C LYS B 232 18.39 10.48 0.40
N PRO B 233 17.75 9.33 0.61
CA PRO B 233 16.32 9.29 0.74
C PRO B 233 15.84 9.76 2.12
N PRO B 234 14.57 10.14 2.20
CA PRO B 234 13.97 10.57 3.46
C PRO B 234 13.68 9.39 4.37
N GLY B 235 13.43 9.67 5.65
CA GLY B 235 13.37 8.63 6.70
C GLY B 235 12.16 7.73 6.66
N ILE B 236 11.04 8.24 6.17
CA ILE B 236 9.94 7.36 5.84
C ILE B 236 9.69 7.67 4.37
N ILE B 237 9.33 6.66 3.60
CA ILE B 237 9.21 6.88 2.19
C ILE B 237 8.18 5.89 1.69
N TYR B 238 7.14 6.38 1.00
CA TYR B 238 6.10 5.50 0.46
C TYR B 238 6.67 4.47 -0.52
N ASP B 239 7.31 4.96 -1.58
CA ASP B 239 7.88 4.15 -2.67
C ASP B 239 9.38 4.49 -2.86
N SER B 240 10.26 3.73 -2.21
CA SER B 240 11.67 4.05 -2.22
C SER B 240 12.28 3.93 -3.60
N LEU B 241 11.86 2.95 -4.40
CA LEU B 241 12.37 2.84 -5.75
C LEU B 241 11.92 4.01 -6.62
N GLY B 242 10.65 4.38 -6.48
CA GLY B 242 10.07 5.50 -7.21
C GLY B 242 10.72 6.80 -6.80
N PHE B 243 11.11 6.90 -5.54
CA PHE B 243 11.81 8.09 -5.07
C PHE B 243 13.12 8.29 -5.82
N VAL B 244 13.93 7.25 -5.91
CA VAL B 244 15.23 7.33 -6.58
C VAL B 244 15.05 7.58 -8.07
N ARG B 245 14.09 6.88 -8.68
N ARG B 245 14.08 6.89 -8.68
CA ARG B 245 13.79 7.06 -10.09
CA ARG B 245 13.79 7.05 -10.10
C ARG B 245 13.42 8.50 -10.37
C ARG B 245 13.35 8.47 -10.41
N SER B 246 12.59 9.07 -9.49
CA SER B 246 12.14 10.45 -9.64
C SER B 246 13.27 11.46 -9.49
N VAL B 247 14.19 11.23 -8.55
CA VAL B 247 15.34 12.14 -8.43
C VAL B 247 16.16 12.04 -9.73
N GLU B 248 16.37 10.85 -10.26
N GLU B 248 16.33 10.83 -10.22
CA GLU B 248 17.14 10.75 -11.50
CA GLU B 248 17.06 10.60 -11.48
C GLU B 248 16.43 11.40 -12.69
C GLU B 248 16.43 11.36 -12.64
N LYS B 249 15.11 11.32 -12.72
CA LYS B 249 14.35 11.98 -13.78
C LYS B 249 14.56 13.48 -13.73
N ILE B 250 14.53 14.01 -12.51
CA ILE B 250 14.74 15.44 -12.28
C ILE B 250 16.15 15.88 -12.75
N LYS B 251 17.16 15.11 -12.40
CA LYS B 251 18.51 15.38 -12.85
C LYS B 251 18.61 15.34 -14.36
N ARG B 252 17.98 14.33 -14.98
CA ARG B 252 18.02 14.23 -16.46
C ARG B 252 17.35 15.45 -17.12
N ILE B 253 16.16 15.82 -16.66
CA ILE B 253 15.46 16.95 -17.25
C ILE B 253 16.24 18.25 -17.03
N ALA B 254 16.82 18.41 -15.84
CA ALA B 254 17.61 19.59 -15.53
C ALA B 254 18.79 19.73 -16.49
N LYS B 255 19.50 18.64 -16.70
CA LYS B 255 20.63 18.62 -17.63
C LYS B 255 20.20 18.87 -19.08
N GLU B 256 19.13 18.20 -19.51
CA GLU B 256 18.68 18.29 -20.91
C GLU B 256 18.08 19.66 -21.25
N THR B 257 17.56 20.37 -20.24
CA THR B 257 16.92 21.67 -20.45
C THR B 257 17.69 22.86 -19.84
N ASN B 258 18.86 22.59 -19.27
CA ASN B 258 19.64 23.57 -18.55
C ASN B 258 18.77 24.34 -17.52
N SER B 259 18.08 23.58 -16.69
CA SER B 259 17.21 24.17 -15.67
C SER B 259 17.79 24.10 -14.27
N GLU B 260 17.44 25.09 -13.46
N GLU B 260 17.51 25.12 -13.47
CA GLU B 260 17.82 25.15 -12.07
CA GLU B 260 17.85 25.09 -12.08
C GLU B 260 16.73 24.40 -11.29
C GLU B 260 16.78 24.19 -11.45
N VAL B 261 17.12 23.55 -10.34
CA VAL B 261 16.14 22.75 -9.57
C VAL B 261 15.88 23.41 -8.20
N TRP B 262 14.62 23.75 -7.95
CA TRP B 262 14.20 24.30 -6.69
C TRP B 262 13.65 23.20 -5.80
N PHE B 263 14.33 22.99 -4.67
CA PHE B 263 13.99 21.93 -3.75
C PHE B 263 12.80 22.32 -2.89
N GLY B 264 12.16 21.33 -2.29
CA GLY B 264 10.99 21.61 -1.47
C GLY B 264 11.29 22.42 -0.21
N HIS B 265 12.40 22.11 0.43
CA HIS B 265 12.63 22.61 1.76
C HIS B 265 14.12 22.80 2.08
N ASP B 266 14.87 23.45 1.19
CA ASP B 266 16.30 23.67 1.41
C ASP B 266 16.51 25.08 2.01
N SER B 267 16.90 25.16 3.27
CA SER B 267 17.08 26.44 3.97
C SER B 267 18.03 27.37 3.29
N GLU B 268 19.17 26.83 2.85
CA GLU B 268 20.20 27.67 2.25
C GLU B 268 19.77 28.16 0.88
N GLN B 269 19.11 27.30 0.12
CA GLN B 269 18.63 27.74 -1.18
C GLN B 269 17.53 28.79 -1.04
N PHE B 270 16.62 28.56 -0.11
CA PHE B 270 15.49 29.45 0.05
C PHE B 270 15.96 30.84 0.51
N LYS B 271 17.00 30.87 1.32
CA LYS B 271 17.50 32.14 1.85
C LYS B 271 17.99 32.99 0.70
N ARG B 272 18.51 32.34 -0.34
CA ARG B 272 19.04 33.05 -1.49
C ARG B 272 17.98 33.44 -2.54
N PHE B 273 16.74 32.94 -2.43
CA PHE B 273 15.69 33.36 -3.35
C PHE B 273 15.23 34.82 -3.12
N ARG B 274 14.89 35.51 -4.20
CA ARG B 274 14.14 36.76 -4.11
C ARG B 274 12.70 36.43 -3.75
N LYS B 275 12.19 36.97 -2.65
CA LYS B 275 10.82 36.71 -2.20
C LYS B 275 9.81 37.72 -2.70
N SER B 276 8.55 37.39 -2.54
CA SER B 276 7.45 38.17 -3.07
C SER B 276 7.37 39.61 -2.52
N THR B 277 7.96 39.83 -1.36
CA THR B 277 7.96 41.14 -0.74
C THR B 277 9.00 42.04 -1.38
N GLU B 278 10.03 41.44 -1.99
CA GLU B 278 11.11 42.22 -2.63
C GLU B 278 11.02 42.25 -4.14
N GLY B 279 10.33 41.29 -4.75
CA GLY B 279 10.24 41.26 -6.21
C GLY B 279 9.90 39.91 -6.80
N TYR B 280 10.34 39.68 -8.02
CA TYR B 280 9.95 38.48 -8.73
C TYR B 280 11.02 38.06 -9.68
N TYR B 281 10.85 36.87 -10.24
CA TYR B 281 11.72 36.40 -11.30
C TYR B 281 11.01 36.71 -12.62
N GLU B 282 11.80 36.72 -13.95
N GLU B 282 12.09 36.76 -14.01
CA GLU B 282 11.26 36.95 -15.30
CA GLU B 282 11.36 36.97 -15.28
C GLU B 282 12.25 36.33 -16.26
C GLU B 282 12.19 36.39 -16.41
N GLN C 8 -22.67 -26.78 11.29
CA GLN C 8 -22.69 -26.62 9.79
C GLN C 8 -23.31 -25.29 9.33
N PRO C 9 -22.79 -24.74 8.23
CA PRO C 9 -23.30 -23.44 7.78
C PRO C 9 -24.72 -23.46 7.20
N LYS C 10 -25.48 -22.41 7.46
CA LYS C 10 -26.77 -22.20 6.80
C LYS C 10 -26.71 -20.89 5.98
N LEU C 11 -27.26 -20.91 4.78
CA LEU C 11 -27.22 -19.78 3.86
C LEU C 11 -28.62 -19.31 3.57
N TYR C 12 -28.83 -18.01 3.71
CA TYR C 12 -30.14 -17.42 3.50
C TYR C 12 -30.14 -16.41 2.37
N VAL C 13 -31.19 -16.44 1.56
CA VAL C 13 -31.38 -15.46 0.49
C VAL C 13 -32.44 -14.47 0.94
N MET C 14 -32.04 -13.20 1.08
CA MET C 14 -32.94 -12.17 1.59
C MET C 14 -33.44 -11.29 0.47
N ASP C 15 -34.76 -11.28 0.31
CA ASP C 15 -35.43 -10.50 -0.69
C ASP C 15 -35.48 -9.03 -0.26
N ASN C 16 -34.75 -8.18 -0.98
CA ASN C 16 -34.72 -6.75 -0.65
C ASN C 16 -35.46 -5.87 -1.65
N GLY C 17 -36.49 -6.41 -2.27
CA GLY C 17 -37.33 -5.60 -3.12
C GLY C 17 -36.99 -5.68 -4.59
N ARG C 18 -37.50 -4.70 -5.34
CA ARG C 18 -37.45 -4.74 -6.78
C ARG C 18 -37.04 -3.40 -7.31
N MET C 19 -36.31 -3.42 -8.42
CA MET C 19 -35.92 -2.22 -9.09
C MET C 19 -36.35 -2.33 -10.56
N ARG C 20 -36.57 -1.19 -11.18
CA ARG C 20 -36.88 -1.11 -12.60
C ARG C 20 -35.96 -0.18 -13.30
N MET C 21 -35.72 -0.44 -14.58
CA MET C 21 -34.91 0.42 -15.39
C MET C 21 -35.00 0.06 -16.88
N ASP C 22 -34.47 0.96 -17.68
CA ASP C 22 -34.34 0.77 -19.12
C ASP C 22 -33.59 -0.54 -19.39
N LYS C 23 -34.18 -1.41 -20.20
CA LYS C 23 -33.56 -2.67 -20.53
C LYS C 23 -32.17 -2.48 -21.17
N ASN C 24 -31.92 -1.36 -21.83
CA ASN C 24 -30.62 -1.12 -22.44
C ASN C 24 -29.50 -1.03 -21.37
N TRP C 25 -29.82 -0.63 -20.15
CA TRP C 25 -28.80 -0.63 -19.10
C TRP C 25 -28.35 -2.07 -18.83
N MET C 26 -29.27 -3.05 -18.93
CA MET C 26 -28.94 -4.43 -18.64
C MET C 26 -28.31 -5.12 -19.83
N ILE C 27 -28.91 -4.93 -21.00
CA ILE C 27 -28.47 -5.56 -22.24
C ILE C 27 -28.31 -4.48 -23.30
N ALA C 28 -27.07 -4.10 -23.56
CA ALA C 28 -26.76 -2.99 -24.46
C ALA C 28 -27.34 -3.24 -25.84
N MET C 29 -27.96 -2.20 -26.41
CA MET C 29 -28.48 -2.23 -27.77
C MET C 29 -29.36 -3.43 -28.03
N HIS C 30 -30.22 -3.76 -27.05
CA HIS C 30 -31.09 -4.90 -27.15
C HIS C 30 -32.11 -4.83 -28.31
N ASN C 31 -32.53 -3.63 -28.70
CA ASN C 31 -33.57 -3.47 -29.76
C ASN C 31 -33.24 -2.25 -30.63
N PRO C 32 -32.21 -2.36 -31.48
CA PRO C 32 -31.79 -1.19 -32.26
C PRO C 32 -32.79 -0.70 -33.30
N ALA C 33 -32.76 0.60 -33.56
CA ALA C 33 -33.63 1.20 -34.55
C ALA C 33 -33.24 0.74 -35.94
N THR C 34 -34.23 0.71 -36.83
CA THR C 34 -34.03 0.31 -38.19
C THR C 34 -34.86 1.25 -39.07
N ILE C 35 -34.68 1.17 -40.37
CA ILE C 35 -35.49 1.94 -41.30
C ILE C 35 -36.99 1.79 -41.01
N ALA C 36 -37.42 0.56 -40.72
CA ALA C 36 -38.87 0.30 -40.51
C ALA C 36 -39.31 0.62 -39.08
N ASN C 37 -38.35 0.81 -38.17
CA ASN C 37 -38.66 1.07 -36.76
C ASN C 37 -37.64 2.11 -36.27
N PRO C 38 -37.65 3.32 -36.87
CA PRO C 38 -36.62 4.34 -36.62
C PRO C 38 -36.68 4.94 -35.21
N ASN C 39 -37.84 4.81 -34.58
CA ASN C 39 -38.02 5.29 -33.23
C ASN C 39 -38.18 4.16 -32.25
N ALA C 40 -37.42 3.09 -32.45
CA ALA C 40 -37.59 1.85 -31.70
C ALA C 40 -37.74 2.16 -30.21
N PRO C 41 -38.79 1.63 -29.60
CA PRO C 41 -38.95 1.87 -28.18
C PRO C 41 -38.13 0.89 -27.37
N THR C 42 -37.68 1.32 -26.21
CA THR C 42 -37.08 0.41 -25.28
C THR C 42 -38.18 -0.13 -24.38
N GLU C 43 -37.78 -0.84 -23.33
CA GLU C 43 -38.73 -1.30 -22.37
C GLU C 43 -38.18 -1.11 -20.95
N PHE C 44 -39.11 -1.06 -20.00
CA PHE C 44 -38.80 -0.80 -18.63
C PHE C 44 -38.92 -2.13 -17.91
N ILE C 45 -37.80 -2.71 -17.52
CA ILE C 45 -37.81 -4.04 -16.94
C ILE C 45 -37.71 -3.99 -15.43
N GLU C 46 -38.10 -5.09 -14.80
CA GLU C 46 -38.13 -5.21 -13.36
C GLU C 46 -37.22 -6.37 -12.94
N PHE C 47 -36.47 -6.18 -11.87
CA PHE C 47 -35.59 -7.24 -11.37
C PHE C 47 -35.41 -7.16 -9.86
N PRO C 48 -34.92 -8.24 -9.26
CA PRO C 48 -34.85 -8.28 -7.83
C PRO C 48 -33.52 -7.74 -7.28
N ILE C 49 -33.60 -7.16 -6.09
CA ILE C 49 -32.42 -6.77 -5.32
C ILE C 49 -32.33 -7.73 -4.15
N TYR C 50 -31.21 -8.41 -3.96
CA TYR C 50 -31.10 -9.31 -2.83
C TYR C 50 -29.72 -9.36 -2.19
N THR C 51 -29.68 -10.03 -1.04
CA THR C 51 -28.48 -10.22 -0.26
C THR C 51 -28.44 -11.61 0.27
N VAL C 52 -27.24 -12.04 0.69
CA VAL C 52 -27.03 -13.39 1.16
C VAL C 52 -26.31 -13.38 2.51
N LEU C 53 -26.92 -14.07 3.47
CA LEU C 53 -26.33 -14.25 4.79
C LEU C 53 -25.88 -15.70 4.93
N ILE C 54 -24.62 -15.87 5.28
CA ILE C 54 -24.13 -17.17 5.61
C ILE C 54 -23.92 -17.21 7.13
N ASP C 55 -24.76 -17.97 7.81
CA ASP C 55 -24.63 -18.22 9.24
C ASP C 55 -23.65 -19.37 9.41
N HIS C 56 -22.39 -19.03 9.58
CA HIS C 56 -21.29 -19.97 9.57
C HIS C 56 -20.81 -20.15 11.01
N PRO C 57 -20.30 -21.35 11.35
CA PRO C 57 -19.79 -21.56 12.73
C PRO C 57 -18.69 -20.57 13.15
N GLU C 58 -17.94 -20.05 12.18
CA GLU C 58 -16.85 -19.15 12.48
C GLU C 58 -17.29 -17.68 12.56
N GLY C 59 -18.53 -17.40 12.18
CA GLY C 59 -19.06 -16.04 12.20
C GLY C 59 -20.05 -15.81 11.07
N LYS C 60 -20.94 -14.84 11.26
CA LYS C 60 -21.94 -14.49 10.26
C LYS C 60 -21.30 -13.63 9.17
N ILE C 61 -21.52 -14.03 7.92
CA ILE C 61 -20.93 -13.36 6.76
C ILE C 61 -22.06 -12.86 5.86
N LEU C 62 -22.03 -11.58 5.51
CA LEU C 62 -23.10 -10.99 4.71
C LEU C 62 -22.54 -10.57 3.37
N PHE C 63 -23.14 -11.06 2.28
CA PHE C 63 -22.73 -10.63 0.94
C PHE C 63 -23.73 -9.63 0.38
N ASP C 64 -23.26 -8.41 0.19
CA ASP C 64 -24.03 -7.28 -0.27
C ASP C 64 -25.01 -6.77 0.78
N THR C 65 -25.55 -5.59 0.56
CA THR C 65 -26.38 -4.94 1.58
C THR C 65 -27.61 -4.23 1.02
N SER C 66 -27.94 -4.46 -0.25
CA SER C 66 -29.12 -3.82 -0.89
C SER C 66 -29.09 -2.29 -0.94
N CYS C 67 -30.27 -1.66 -0.91
CA CYS C 67 -30.41 -0.23 -0.98
C CYS C 67 -30.73 0.35 0.38
N ASN C 68 -30.30 1.57 0.62
CA ASN C 68 -30.63 2.21 1.89
C ASN C 68 -32.11 2.54 1.94
N PRO C 69 -32.75 2.31 3.09
CA PRO C 69 -34.18 2.64 3.22
C PRO C 69 -34.50 4.10 2.96
N ASP C 70 -33.48 4.98 3.04
CA ASP C 70 -33.65 6.42 2.78
C ASP C 70 -33.31 6.81 1.33
N SER C 71 -33.36 5.84 0.43
CA SER C 71 -32.95 6.12 -0.98
C SER C 71 -33.96 6.95 -1.78
N MET C 72 -35.22 6.54 -1.73
CA MET C 72 -36.28 7.09 -2.59
C MET C 72 -37.07 8.20 -1.89
N GLY C 73 -37.74 9.03 -2.66
CA GLY C 73 -38.59 10.09 -2.13
C GLY C 73 -38.00 11.45 -2.32
N ALA C 74 -38.80 12.47 -2.02
CA ALA C 74 -38.36 13.86 -2.25
C ALA C 74 -37.19 14.24 -1.33
N GLN C 75 -37.11 13.60 -0.18
CA GLN C 75 -36.03 13.82 0.75
C GLN C 75 -35.01 12.68 0.70
N GLY C 76 -35.15 11.79 -0.28
CA GLY C 76 -34.27 10.63 -0.40
C GLY C 76 -32.84 10.97 -0.74
N ARG C 77 -31.94 10.01 -0.56
CA ARG C 77 -30.55 10.22 -0.90
C ARG C 77 -30.24 10.14 -2.38
N TRP C 78 -31.01 9.33 -3.09
CA TRP C 78 -30.79 9.17 -4.53
C TRP C 78 -31.24 10.42 -5.27
N GLY C 79 -30.43 10.88 -6.23
CA GLY C 79 -30.81 12.00 -7.05
C GLY C 79 -32.13 11.77 -7.77
N GLU C 80 -32.81 12.88 -8.07
CA GLU C 80 -34.12 12.83 -8.74
C GLU C 80 -34.09 12.06 -10.05
N ALA C 81 -33.11 12.35 -10.90
CA ALA C 81 -33.00 11.67 -12.18
C ALA C 81 -32.75 10.18 -11.96
N THR C 82 -31.91 9.86 -10.99
CA THR C 82 -31.64 8.48 -10.66
C THR C 82 -32.88 7.76 -10.19
N GLN C 83 -33.71 8.40 -9.35
CA GLN C 83 -34.92 7.78 -8.89
C GLN C 83 -35.87 7.49 -10.05
N SER C 84 -35.90 8.36 -11.05
CA SER C 84 -36.83 8.16 -12.16
C SER C 84 -36.38 7.03 -13.10
N MET C 85 -35.07 6.78 -13.14
CA MET C 85 -34.49 5.78 -14.05
C MET C 85 -34.24 4.42 -13.43
N PHE C 86 -34.08 4.38 -12.10
CA PHE C 86 -33.81 3.14 -11.37
C PHE C 86 -34.66 3.02 -10.11
N PRO C 87 -35.97 3.26 -10.23
CA PRO C 87 -36.82 3.21 -9.03
C PRO C 87 -36.78 1.90 -8.28
N TRP C 88 -36.61 2.00 -6.96
CA TRP C 88 -36.62 0.87 -6.08
C TRP C 88 -37.93 0.85 -5.32
N THR C 89 -38.63 -0.27 -5.43
CA THR C 89 -39.85 -0.53 -4.67
C THR C 89 -39.58 -1.60 -3.63
N ALA C 90 -39.85 -1.29 -2.37
CA ALA C 90 -39.66 -2.23 -1.30
C ALA C 90 -40.56 -1.83 -0.12
N SER C 91 -41.35 -2.77 0.37
CA SER C 91 -42.05 -2.58 1.62
C SER C 91 -41.04 -2.73 2.76
N GLU C 92 -41.40 -2.25 3.95
CA GLU C 92 -40.55 -2.36 5.11
C GLU C 92 -39.98 -3.74 5.38
N GLU C 93 -40.77 -4.79 5.18
CA GLU C 93 -40.28 -6.12 5.48
C GLU C 93 -39.07 -6.48 4.58
N CYS C 94 -38.91 -5.76 3.48
CA CYS C 94 -37.79 -5.98 2.54
C CYS C 94 -36.49 -5.28 2.94
N TYR C 95 -36.58 -4.32 3.86
CA TYR C 95 -35.40 -3.62 4.32
C TYR C 95 -34.44 -4.62 4.94
N LEU C 96 -33.14 -4.45 4.71
CA LEU C 96 -32.18 -5.42 5.13
C LEU C 96 -32.21 -5.65 6.63
N HIS C 97 -32.31 -4.57 7.41
N HIS C 97 -32.28 -4.56 7.40
CA HIS C 97 -32.32 -4.72 8.87
CA HIS C 97 -32.36 -4.64 8.88
C HIS C 97 -33.53 -5.51 9.35
C HIS C 97 -33.50 -5.56 9.29
N ASN C 98 -34.65 -5.40 8.64
CA ASN C 98 -35.83 -6.20 8.98
C ASN C 98 -35.69 -7.64 8.56
N ARG C 99 -35.08 -7.89 7.41
CA ARG C 99 -34.84 -9.26 6.96
C ARG C 99 -33.93 -10.01 7.91
N LEU C 100 -32.95 -9.28 8.46
CA LEU C 100 -32.05 -9.82 9.46
C LEU C 100 -32.79 -10.04 10.79
N GLU C 101 -33.59 -9.06 11.20
CA GLU C 101 -34.37 -9.21 12.44
C GLU C 101 -35.31 -10.42 12.34
N GLN C 102 -35.98 -10.61 11.21
CA GLN C 102 -36.82 -11.80 11.02
C GLN C 102 -36.04 -13.11 11.28
N LEU C 103 -34.71 -13.10 11.10
CA LEU C 103 -33.87 -14.27 11.37
C LEU C 103 -33.22 -14.21 12.75
N LYS C 104 -33.63 -13.25 13.56
CA LYS C 104 -33.05 -13.03 14.88
C LYS C 104 -31.59 -12.65 14.80
N VAL C 105 -31.23 -11.89 13.77
CA VAL C 105 -29.86 -11.47 13.59
C VAL C 105 -29.78 -9.94 13.64
N ARG C 106 -28.94 -9.43 14.51
CA ARG C 106 -28.71 -7.99 14.64
C ARG C 106 -27.47 -7.57 13.86
N PRO C 107 -27.43 -6.32 13.39
CA PRO C 107 -26.24 -5.86 12.67
C PRO C 107 -24.93 -6.11 13.42
N GLU C 108 -24.99 -5.98 14.75
N GLU C 108 -24.93 -5.97 14.74
CA GLU C 108 -23.84 -6.18 15.60
CA GLU C 108 -23.70 -6.19 15.52
C GLU C 108 -23.31 -7.62 15.56
C GLU C 108 -23.26 -7.64 15.54
N ASP C 109 -24.15 -8.55 15.11
CA ASP C 109 -23.79 -9.97 15.05
C ASP C 109 -23.00 -10.35 13.77
N ILE C 110 -22.89 -9.43 12.82
CA ILE C 110 -22.18 -9.76 11.57
C ILE C 110 -20.68 -9.54 11.71
N LYS C 111 -19.88 -10.55 11.37
CA LYS C 111 -18.42 -10.45 11.44
C LYS C 111 -17.78 -9.85 10.16
N PHE C 112 -18.28 -10.26 9.01
CA PHE C 112 -17.75 -9.77 7.73
C PHE C 112 -18.91 -9.34 6.85
N VAL C 113 -18.78 -8.17 6.23
CA VAL C 113 -19.68 -7.76 5.16
C VAL C 113 -18.83 -7.68 3.89
N ILE C 114 -19.22 -8.41 2.86
CA ILE C 114 -18.56 -8.32 1.56
C ILE C 114 -19.34 -7.35 0.67
N ALA C 115 -18.71 -6.22 0.32
CA ALA C 115 -19.27 -5.30 -0.65
C ALA C 115 -18.76 -5.68 -2.01
N SER C 116 -19.63 -6.33 -2.80
CA SER C 116 -19.23 -6.73 -4.13
C SER C 116 -18.68 -5.54 -4.92
N HIS C 117 -19.32 -4.39 -4.73
CA HIS C 117 -18.88 -3.10 -5.24
C HIS C 117 -19.70 -2.05 -4.49
N LEU C 118 -19.54 -0.79 -4.83
CA LEU C 118 -20.13 0.30 -4.01
C LEU C 118 -21.28 1.04 -4.66
N HIS C 119 -21.97 0.37 -5.59
CA HIS C 119 -23.17 0.93 -6.21
C HIS C 119 -24.35 0.98 -5.27
N LEU C 120 -25.32 1.77 -5.69
CA LEU C 120 -26.51 2.12 -4.94
C LEU C 120 -27.32 0.93 -4.45
N ASP C 121 -27.34 -0.17 -5.21
CA ASP C 121 -28.17 -1.30 -4.86
C ASP C 121 -27.42 -2.45 -4.15
N HIS C 122 -26.13 -2.23 -3.85
CA HIS C 122 -25.32 -3.21 -3.16
C HIS C 122 -24.65 -2.71 -1.87
N ALA C 123 -24.39 -1.41 -1.77
CA ALA C 123 -23.66 -0.86 -0.61
C ALA C 123 -24.55 0.05 0.23
N GLY C 124 -25.85 0.01 -0.03
CA GLY C 124 -26.80 0.92 0.56
C GLY C 124 -26.90 0.88 2.06
N CYS C 125 -26.63 -0.26 2.67
CA CYS C 125 -26.77 -0.39 4.11
C CYS C 125 -25.46 -0.70 4.80
N LEU C 126 -24.32 -0.44 4.14
CA LEU C 126 -23.03 -0.66 4.83
C LEU C 126 -22.98 0.08 6.16
N GLU C 127 -23.60 1.25 6.21
CA GLU C 127 -23.51 2.10 7.40
C GLU C 127 -23.98 1.44 8.68
N MET C 128 -24.78 0.40 8.58
CA MET C 128 -25.34 -0.27 9.74
C MET C 128 -24.36 -1.17 10.46
N PHE C 129 -23.31 -1.60 9.76
CA PHE C 129 -22.47 -2.66 10.27
C PHE C 129 -21.22 -2.08 10.87
N THR C 130 -21.38 -1.49 12.04
CA THR C 130 -20.30 -0.77 12.68
C THR C 130 -19.34 -1.66 13.48
N ASN C 131 -19.62 -2.95 13.55
CA ASN C 131 -18.76 -3.91 14.23
C ASN C 131 -18.04 -4.87 13.29
N ALA C 132 -18.55 -5.01 12.09
CA ALA C 132 -18.06 -5.98 11.15
C ALA C 132 -16.83 -5.46 10.42
N THR C 133 -16.05 -6.36 9.87
CA THR C 133 -15.02 -5.95 8.93
C THR C 133 -15.74 -5.84 7.57
N ILE C 134 -15.60 -4.68 6.92
CA ILE C 134 -16.24 -4.42 5.64
C ILE C 134 -15.19 -4.63 4.55
N ILE C 135 -15.41 -5.63 3.72
CA ILE C 135 -14.48 -6.03 2.71
C ILE C 135 -14.87 -5.47 1.35
N VAL C 136 -13.92 -4.76 0.74
CA VAL C 136 -14.17 -4.07 -0.53
C VAL C 136 -12.88 -4.00 -1.36
N HIS C 137 -13.02 -3.95 -2.68
CA HIS C 137 -11.86 -3.87 -3.54
C HIS C 137 -11.23 -2.50 -3.40
N GLU C 138 -9.90 -2.40 -3.27
CA GLU C 138 -9.25 -1.10 -3.02
C GLU C 138 -9.58 -0.03 -4.08
N ASP C 139 -9.67 -0.40 -5.35
CA ASP C 139 -9.92 0.57 -6.41
C ASP C 139 -11.38 1.01 -6.49
N GLU C 140 -12.29 0.16 -6.03
CA GLU C 140 -13.70 0.53 -5.97
C GLU C 140 -13.85 1.57 -4.86
N PHE C 141 -13.19 1.32 -3.74
CA PHE C 141 -13.18 2.24 -2.60
C PHE C 141 -12.68 3.61 -3.06
N SER C 142 -11.53 3.62 -3.72
CA SER C 142 -10.96 4.85 -4.24
C SER C 142 -11.90 5.60 -5.16
N GLY C 143 -12.46 4.88 -6.13
CA GLY C 143 -13.32 5.52 -7.11
C GLY C 143 -14.58 6.10 -6.49
N ALA C 144 -15.22 5.34 -5.58
CA ALA C 144 -16.38 5.83 -4.87
C ALA C 144 -16.04 7.13 -4.11
N LEU C 145 -14.92 7.13 -3.41
CA LEU C 145 -14.53 8.29 -2.64
C LEU C 145 -14.27 9.52 -3.50
N GLN C 146 -13.73 9.32 -4.68
CA GLN C 146 -13.55 10.42 -5.60
C GLN C 146 -14.89 11.01 -6.01
N THR C 147 -15.92 10.18 -6.18
CA THR C 147 -17.22 10.72 -6.58
C THR C 147 -17.77 11.57 -5.45
N TYR C 148 -17.49 11.13 -4.25
CA TYR C 148 -17.93 11.83 -3.06
C TYR C 148 -17.24 13.18 -2.96
N ALA C 149 -15.92 13.22 -3.19
CA ALA C 149 -15.18 14.49 -3.12
C ALA C 149 -15.64 15.47 -4.21
N ARG C 150 -16.17 14.94 -5.32
N ARG C 150 -16.15 14.93 -5.32
CA ARG C 150 -16.66 15.79 -6.40
CA ARG C 150 -16.64 15.74 -6.42
C ARG C 150 -18.11 16.19 -6.19
C ARG C 150 -18.11 16.14 -6.22
N ASN C 151 -18.70 15.74 -5.08
CA ASN C 151 -20.08 16.09 -4.73
C ASN C 151 -21.11 15.68 -5.79
N GLN C 152 -20.94 14.50 -6.37
CA GLN C 152 -21.86 14.07 -7.41
C GLN C 152 -23.20 13.70 -6.77
N THR C 153 -24.26 14.36 -7.22
CA THR C 153 -25.63 14.18 -6.71
C THR C 153 -26.49 13.20 -7.52
N GLU C 154 -26.01 12.81 -8.69
CA GLU C 154 -26.70 11.84 -9.52
C GLU C 154 -25.77 10.68 -9.83
N GLY C 155 -26.33 9.52 -10.13
CA GLY C 155 -25.51 8.39 -10.55
C GLY C 155 -25.60 7.23 -9.59
N ALA C 156 -24.76 6.22 -9.86
CA ALA C 156 -24.83 4.94 -9.19
C ALA C 156 -24.06 4.91 -7.87
N TYR C 157 -23.28 5.98 -7.61
CA TYR C 157 -22.57 6.15 -6.34
C TYR C 157 -23.31 7.25 -5.58
N ILE C 158 -23.86 6.86 -4.45
CA ILE C 158 -24.77 7.73 -3.69
C ILE C 158 -24.04 8.54 -2.62
N TRP C 159 -24.06 9.87 -2.78
CA TRP C 159 -23.28 10.77 -1.92
C TRP C 159 -23.65 10.54 -0.47
N GLY C 160 -24.95 10.51 -0.22
CA GLY C 160 -25.44 10.31 1.14
C GLY C 160 -25.07 9.00 1.81
N ASP C 161 -24.94 7.94 1.01
CA ASP C 161 -24.55 6.64 1.56
C ASP C 161 -23.08 6.72 1.97
N ILE C 162 -22.24 7.23 1.07
CA ILE C 162 -20.82 7.36 1.34
C ILE C 162 -20.56 8.24 2.57
N ASP C 163 -21.27 9.36 2.64
CA ASP C 163 -21.22 10.27 3.80
C ASP C 163 -21.46 9.51 5.10
N ALA C 164 -22.51 8.71 5.14
CA ALA C 164 -22.79 7.85 6.29
C ALA C 164 -21.70 6.79 6.56
N TRP C 165 -21.12 6.18 5.53
CA TRP C 165 -20.04 5.22 5.79
C TRP C 165 -18.89 5.90 6.50
N ILE C 166 -18.57 7.12 6.07
CA ILE C 166 -17.49 7.87 6.66
C ILE C 166 -17.84 8.29 8.09
N LYS C 167 -19.04 8.84 8.30
CA LYS C 167 -19.42 9.26 9.67
C LYS C 167 -19.52 8.10 10.66
N ASN C 168 -19.80 6.90 10.16
CA ASN C 168 -19.90 5.73 11.04
C ASN C 168 -18.57 5.01 11.23
N ASN C 169 -17.51 5.53 10.62
CA ASN C 169 -16.17 5.00 10.84
C ASN C 169 -16.11 3.48 10.76
N LEU C 170 -16.40 2.95 9.58
CA LEU C 170 -16.45 1.53 9.38
C LEU C 170 -15.08 0.89 9.35
N ASN C 171 -15.04 -0.39 9.64
N ASN C 171 -14.99 -0.38 9.72
CA ASN C 171 -13.79 -1.11 9.75
CA ASN C 171 -13.72 -1.11 9.74
C ASN C 171 -13.43 -1.74 8.40
C ASN C 171 -13.48 -1.72 8.36
N TRP C 172 -12.96 -0.89 7.48
CA TRP C 172 -12.66 -1.33 6.11
C TRP C 172 -11.41 -2.20 6.05
N ARG C 173 -11.52 -3.23 5.23
CA ARG C 173 -10.40 -4.03 4.81
C ARG C 173 -10.45 -4.04 3.30
N THR C 174 -9.48 -3.42 2.65
CA THR C 174 -9.49 -3.38 1.19
C THR C 174 -8.78 -4.59 0.63
N ILE C 175 -9.39 -5.21 -0.37
CA ILE C 175 -8.75 -6.23 -1.15
C ILE C 175 -7.88 -5.55 -2.18
N LYS C 176 -6.59 -5.89 -2.20
CA LYS C 176 -5.65 -5.30 -3.13
C LYS C 176 -5.87 -5.83 -4.54
N ARG C 177 -5.52 -5.04 -5.54
CA ARG C 177 -5.91 -5.40 -6.89
C ARG C 177 -5.29 -6.69 -7.36
N ASP C 178 -4.18 -7.12 -6.77
CA ASP C 178 -3.57 -8.40 -7.18
C ASP C 178 -3.88 -9.56 -6.24
N GLU C 179 -4.74 -9.31 -5.25
N GLU C 179 -4.70 -9.33 -5.19
CA GLU C 179 -5.13 -10.30 -4.26
CA GLU C 179 -5.04 -10.39 -4.23
C GLU C 179 -6.26 -11.15 -4.87
C GLU C 179 -6.32 -11.11 -4.67
N ASP C 180 -6.35 -12.43 -4.52
CA ASP C 180 -7.46 -13.24 -5.01
C ASP C 180 -7.62 -14.46 -4.12
N ASN C 181 -8.78 -15.08 -4.22
CA ASN C 181 -9.03 -16.35 -3.54
C ASN C 181 -8.75 -16.23 -2.04
N ILE C 182 -9.41 -15.25 -1.44
CA ILE C 182 -9.17 -14.90 -0.06
C ILE C 182 -10.10 -15.67 0.84
N VAL C 183 -9.53 -16.56 1.64
CA VAL C 183 -10.33 -17.41 2.50
C VAL C 183 -10.75 -16.65 3.75
N LEU C 184 -12.06 -16.60 3.98
CA LEU C 184 -12.61 -15.92 5.17
C LEU C 184 -12.98 -16.90 6.26
N ALA C 185 -13.36 -18.10 5.87
CA ALA C 185 -13.80 -19.15 6.78
C ALA C 185 -13.84 -20.44 5.99
N GLU C 186 -13.99 -21.58 6.67
CA GLU C 186 -14.00 -22.81 5.93
C GLU C 186 -15.13 -22.81 4.89
N GLY C 187 -14.79 -23.08 3.64
CA GLY C 187 -15.77 -23.12 2.53
C GLY C 187 -16.23 -21.76 2.00
N ILE C 188 -15.63 -20.68 2.49
CA ILE C 188 -16.00 -19.32 2.07
C ILE C 188 -14.77 -18.61 1.51
N LYS C 189 -14.82 -18.23 0.24
CA LYS C 189 -13.69 -17.66 -0.40
C LYS C 189 -14.08 -16.47 -1.29
N ILE C 190 -13.42 -15.33 -1.09
CA ILE C 190 -13.62 -14.13 -1.91
C ILE C 190 -12.91 -14.28 -3.25
N LEU C 191 -13.65 -13.99 -4.31
CA LEU C 191 -13.14 -14.00 -5.67
C LEU C 191 -12.98 -12.56 -6.12
N ASN C 192 -11.78 -12.21 -6.57
CA ASN C 192 -11.51 -10.86 -6.99
C ASN C 192 -11.61 -10.81 -8.52
N PHE C 193 -12.68 -10.21 -9.03
CA PHE C 193 -12.91 -10.14 -10.48
C PHE C 193 -12.23 -8.91 -11.09
N GLY C 194 -11.92 -7.94 -10.25
CA GLY C 194 -11.28 -6.73 -10.73
C GLY C 194 -12.21 -5.80 -11.48
N SER C 195 -11.63 -4.97 -12.35
N SER C 195 -11.60 -5.01 -12.37
CA SER C 195 -12.42 -3.96 -13.05
CA SER C 195 -12.29 -3.98 -13.15
C SER C 195 -13.25 -4.57 -14.15
C SER C 195 -13.23 -4.57 -14.20
N GLY C 196 -14.42 -4.01 -14.33
CA GLY C 196 -15.40 -4.46 -15.35
C GLY C 196 -16.64 -3.60 -15.23
N HIS C 197 -17.67 -4.17 -14.65
CA HIS C 197 -18.89 -3.43 -14.36
C HIS C 197 -18.59 -2.17 -13.56
N ALA C 198 -17.67 -2.25 -12.62
CA ALA C 198 -17.24 -1.10 -11.82
C ALA C 198 -15.71 -1.17 -11.68
N TRP C 199 -15.14 -0.35 -10.81
CA TRP C 199 -13.69 -0.30 -10.67
C TRP C 199 -13.12 -1.58 -10.08
N GLY C 200 -13.84 -2.18 -9.15
CA GLY C 200 -13.35 -3.39 -8.50
C GLY C 200 -14.50 -4.25 -8.02
N MET C 201 -14.68 -5.38 -8.68
CA MET C 201 -15.78 -6.28 -8.34
C MET C 201 -15.30 -7.49 -7.53
N LEU C 202 -16.00 -7.78 -6.43
CA LEU C 202 -15.76 -8.98 -5.64
C LEU C 202 -16.96 -9.91 -5.73
N GLY C 203 -16.67 -11.21 -5.77
CA GLY C 203 -17.69 -12.22 -5.68
C GLY C 203 -17.35 -13.16 -4.53
N LEU C 204 -18.16 -14.20 -4.37
CA LEU C 204 -17.97 -15.12 -3.26
C LEU C 204 -18.19 -16.52 -3.76
N HIS C 205 -17.30 -17.43 -3.39
CA HIS C 205 -17.55 -18.84 -3.58
C HIS C 205 -17.92 -19.42 -2.23
N VAL C 206 -19.02 -20.16 -2.20
CA VAL C 206 -19.51 -20.77 -0.96
C VAL C 206 -19.59 -22.26 -1.23
N GLN C 207 -18.96 -23.06 -0.37
CA GLN C 207 -19.02 -24.52 -0.47
C GLN C 207 -19.91 -25.00 0.66
N LEU C 208 -21.09 -25.53 0.32
CA LEU C 208 -22.01 -26.01 1.36
C LEU C 208 -22.00 -27.55 1.38
N PRO C 209 -21.98 -28.14 2.59
CA PRO C 209 -21.98 -29.60 2.71
C PRO C 209 -22.99 -30.31 1.80
N GLU C 210 -24.25 -29.90 1.83
CA GLU C 210 -25.27 -30.60 1.03
C GLU C 210 -25.40 -30.04 -0.38
N LYS C 211 -25.51 -28.73 -0.47
CA LYS C 211 -25.83 -28.07 -1.74
C LYS C 211 -24.65 -28.05 -2.71
N GLY C 212 -23.44 -28.04 -2.18
CA GLY C 212 -22.26 -27.92 -3.00
C GLY C 212 -21.83 -26.47 -3.26
N GLY C 213 -21.23 -26.24 -4.42
CA GLY C 213 -20.65 -24.94 -4.75
C GLY C 213 -21.63 -23.90 -5.27
N ILE C 214 -21.50 -22.69 -4.75
CA ILE C 214 -22.25 -21.55 -5.21
C ILE C 214 -21.30 -20.39 -5.44
N ILE C 215 -21.43 -19.70 -6.58
CA ILE C 215 -20.69 -18.48 -6.84
C ILE C 215 -21.68 -17.31 -6.85
N LEU C 216 -21.43 -16.34 -5.97
CA LEU C 216 -22.22 -15.13 -5.93
C LEU C 216 -21.51 -14.13 -6.81
N ALA C 217 -22.11 -13.83 -7.94
CA ALA C 217 -21.50 -12.98 -8.97
C ALA C 217 -21.80 -11.50 -8.82
N SER C 218 -22.91 -11.17 -8.16
CA SER C 218 -23.38 -9.78 -8.10
C SER C 218 -23.46 -9.19 -9.52
N ASP C 219 -23.12 -7.90 -9.66
CA ASP C 219 -23.27 -7.21 -10.96
C ASP C 219 -22.17 -7.61 -11.99
N ALA C 220 -21.31 -8.56 -11.66
CA ALA C 220 -20.39 -9.08 -12.68
C ALA C 220 -21.16 -9.82 -13.77
N VAL C 221 -22.31 -10.38 -13.40
CA VAL C 221 -23.22 -11.02 -14.35
C VAL C 221 -24.66 -10.65 -13.95
N TYR C 222 -25.28 -9.72 -14.66
CA TYR C 222 -26.64 -9.29 -14.30
C TYR C 222 -27.66 -10.43 -14.35
N SER C 223 -27.60 -11.25 -15.40
CA SER C 223 -28.66 -12.20 -15.68
C SER C 223 -28.19 -13.34 -16.57
N ALA C 224 -29.02 -14.36 -16.72
CA ALA C 224 -28.76 -15.45 -17.68
C ALA C 224 -28.58 -14.93 -19.09
N GLU C 225 -29.32 -13.88 -19.47
CA GLU C 225 -29.13 -13.32 -20.80
C GLU C 225 -27.74 -12.66 -20.96
N SER C 226 -27.24 -12.01 -19.92
CA SER C 226 -25.90 -11.45 -19.93
C SER C 226 -24.86 -12.55 -20.11
N TYR C 227 -25.08 -13.65 -19.40
CA TYR C 227 -24.13 -14.76 -19.27
C TYR C 227 -23.97 -15.52 -20.55
N GLY C 228 -25.09 -15.75 -21.24
CA GLY C 228 -25.07 -16.44 -22.53
C GLY C 228 -24.64 -17.88 -22.39
N PRO C 229 -23.85 -18.39 -23.34
CA PRO C 229 -23.36 -17.59 -24.47
C PRO C 229 -24.42 -17.25 -25.53
N PRO C 230 -24.19 -16.21 -26.32
CA PRO C 230 -23.00 -15.36 -26.21
C PRO C 230 -23.13 -14.33 -25.09
N ILE C 231 -22.00 -13.80 -24.64
CA ILE C 231 -22.02 -12.83 -23.56
C ILE C 231 -22.57 -11.51 -24.10
N LYS C 232 -23.50 -10.93 -23.36
CA LYS C 232 -24.10 -9.65 -23.74
C LYS C 232 -23.78 -8.59 -22.70
N PRO C 233 -23.00 -7.57 -23.06
CA PRO C 233 -22.61 -6.61 -22.05
C PRO C 233 -23.73 -5.62 -21.75
N PRO C 234 -23.63 -4.95 -20.62
CA PRO C 234 -24.57 -3.91 -20.23
C PRO C 234 -24.38 -2.62 -21.00
N GLY C 235 -25.42 -1.78 -20.98
CA GLY C 235 -25.45 -0.55 -21.78
C GLY C 235 -24.39 0.49 -21.48
N ILE C 236 -24.10 0.68 -20.21
CA ILE C 236 -22.96 1.51 -19.87
C ILE C 236 -22.03 0.60 -19.09
N ILE C 237 -20.77 0.63 -19.48
CA ILE C 237 -19.86 -0.30 -18.85
C ILE C 237 -18.56 0.45 -18.64
N TYR C 238 -18.10 0.44 -17.38
CA TYR C 238 -16.83 1.07 -16.99
C TYR C 238 -15.65 0.52 -17.80
N ASP C 239 -15.45 -0.80 -17.73
CA ASP C 239 -14.30 -1.47 -18.36
C ASP C 239 -14.82 -2.67 -19.17
N SER C 240 -15.07 -2.46 -20.45
CA SER C 240 -15.71 -3.50 -21.25
C SER C 240 -14.86 -4.77 -21.39
N LEU C 241 -13.54 -4.61 -21.58
CA LEU C 241 -12.64 -5.74 -21.72
C LEU C 241 -12.62 -6.53 -20.42
N GLY C 242 -12.56 -5.82 -19.29
CA GLY C 242 -12.60 -6.45 -17.95
C GLY C 242 -13.91 -7.19 -17.70
N PHE C 243 -14.98 -6.61 -18.20
CA PHE C 243 -16.29 -7.22 -18.01
C PHE C 243 -16.30 -8.60 -18.63
N VAL C 244 -15.83 -8.69 -19.89
CA VAL C 244 -15.84 -9.97 -20.61
C VAL C 244 -14.88 -10.96 -19.93
N ARG C 245 -13.70 -10.48 -19.54
CA ARG C 245 -12.71 -11.31 -18.84
C ARG C 245 -13.30 -11.89 -17.56
N SER C 246 -14.04 -11.06 -16.83
CA SER C 246 -14.63 -11.47 -15.58
C SER C 246 -15.74 -12.51 -15.75
N VAL C 247 -16.55 -12.36 -16.80
CA VAL C 247 -17.59 -13.36 -17.06
C VAL C 247 -16.93 -14.68 -17.41
N GLU C 248 -15.87 -14.62 -18.22
CA GLU C 248 -15.16 -15.85 -18.57
C GLU C 248 -14.48 -16.49 -17.33
N LYS C 249 -13.95 -15.69 -16.42
CA LYS C 249 -13.40 -16.21 -15.16
C LYS C 249 -14.45 -16.96 -14.36
N ILE C 250 -15.64 -16.37 -14.27
CA ILE C 250 -16.74 -16.98 -13.51
C ILE C 250 -17.14 -18.32 -14.12
N LYS C 251 -17.24 -18.34 -15.46
CA LYS C 251 -17.57 -19.58 -16.18
C LYS C 251 -16.52 -20.64 -15.92
N ARG C 252 -15.25 -20.24 -15.94
CA ARG C 252 -14.16 -21.18 -15.69
C ARG C 252 -14.23 -21.78 -14.27
N ILE C 253 -14.35 -20.91 -13.28
CA ILE C 253 -14.42 -21.36 -11.89
C ILE C 253 -15.66 -22.24 -11.67
N ALA C 254 -16.80 -21.84 -12.22
CA ALA C 254 -18.03 -22.63 -12.11
C ALA C 254 -17.79 -24.05 -12.64
N LYS C 255 -17.12 -24.15 -13.78
CA LYS C 255 -16.85 -25.45 -14.40
C LYS C 255 -15.87 -26.28 -13.57
N GLU C 256 -14.76 -25.69 -13.18
CA GLU C 256 -13.74 -26.40 -12.42
C GLU C 256 -14.23 -26.88 -11.05
N THR C 257 -15.15 -26.15 -10.46
CA THR C 257 -15.60 -26.47 -9.10
C THR C 257 -17.01 -27.04 -9.04
N ASN C 258 -17.62 -27.24 -10.20
CA ASN C 258 -19.02 -27.71 -10.29
C ASN C 258 -19.98 -26.83 -9.47
N SER C 259 -19.85 -25.51 -9.64
CA SER C 259 -20.64 -24.56 -8.85
C SER C 259 -21.78 -23.97 -9.65
N GLU C 260 -22.88 -23.67 -8.96
CA GLU C 260 -23.97 -22.91 -9.55
C GLU C 260 -23.57 -21.45 -9.50
N VAL C 261 -23.95 -20.68 -10.52
CA VAL C 261 -23.70 -19.24 -10.52
C VAL C 261 -25.00 -18.45 -10.26
N TRP C 262 -25.00 -17.66 -9.20
CA TRP C 262 -26.12 -16.83 -8.82
C TRP C 262 -25.87 -15.43 -9.33
N PHE C 263 -26.72 -14.99 -10.26
CA PHE C 263 -26.57 -13.72 -10.92
C PHE C 263 -27.00 -12.57 -10.02
N GLY C 264 -26.58 -11.36 -10.37
CA GLY C 264 -26.95 -10.19 -9.57
C GLY C 264 -28.45 -9.93 -9.54
N HIS C 265 -29.11 -10.10 -10.69
CA HIS C 265 -30.44 -9.53 -10.87
C HIS C 265 -31.30 -10.32 -11.88
N ASP C 266 -31.34 -11.63 -11.75
CA ASP C 266 -32.08 -12.42 -12.73
C ASP C 266 -33.47 -12.77 -12.16
N SER C 267 -34.52 -12.19 -12.70
CA SER C 267 -35.88 -12.43 -12.16
C SER C 267 -36.26 -13.90 -12.08
N GLU C 268 -36.04 -14.65 -13.15
CA GLU C 268 -36.42 -16.07 -13.16
C GLU C 268 -35.61 -16.94 -12.20
N GLN C 269 -34.30 -16.70 -12.10
CA GLN C 269 -33.52 -17.45 -11.14
C GLN C 269 -33.94 -17.10 -9.72
N PHE C 270 -34.19 -15.82 -9.47
CA PHE C 270 -34.47 -15.38 -8.11
C PHE C 270 -35.79 -16.02 -7.67
N LYS C 271 -36.72 -16.09 -8.60
CA LYS C 271 -38.02 -16.67 -8.33
C LYS C 271 -37.90 -18.07 -7.76
N ARG C 272 -36.91 -18.83 -8.20
N ARG C 272 -36.92 -18.84 -8.26
CA ARG C 272 -36.75 -20.21 -7.76
CA ARG C 272 -36.66 -20.21 -7.83
C ARG C 272 -35.81 -20.42 -6.56
C ARG C 272 -35.96 -20.35 -6.47
N PHE C 273 -35.21 -19.34 -6.04
CA PHE C 273 -34.45 -19.44 -4.81
C PHE C 273 -35.39 -19.70 -3.62
N ARG C 274 -34.93 -20.49 -2.66
CA ARG C 274 -35.61 -20.60 -1.37
C ARG C 274 -35.26 -19.34 -0.60
N LYS C 275 -36.25 -18.54 -0.24
CA LYS C 275 -36.03 -17.25 0.43
C LYS C 275 -35.96 -17.41 1.94
N SER C 276 -35.50 -16.35 2.63
CA SER C 276 -35.26 -16.41 4.08
C SER C 276 -36.53 -16.66 4.87
N THR C 277 -37.66 -16.28 4.30
CA THR C 277 -38.95 -16.46 4.94
C THR C 277 -39.50 -17.88 4.79
N GLU C 278 -38.83 -18.70 3.98
CA GLU C 278 -39.27 -20.08 3.76
C GLU C 278 -38.29 -21.06 4.36
N GLY C 279 -36.99 -20.75 4.24
CA GLY C 279 -35.96 -21.60 4.80
C GLY C 279 -34.59 -21.17 4.37
N TYR C 280 -33.65 -22.10 4.42
CA TYR C 280 -32.27 -21.81 4.09
C TYR C 280 -31.68 -22.95 3.26
N TYR C 281 -30.44 -22.76 2.85
CA TYR C 281 -29.67 -23.75 2.12
C TYR C 281 -28.60 -24.27 3.05
N GLU C 282 -28.21 -25.52 2.85
N GLU C 282 -28.02 -25.90 2.82
CA GLU C 282 -27.11 -26.11 3.62
CA GLU C 282 -26.94 -26.35 3.73
C GLU C 282 -26.39 -27.20 2.84
C GLU C 282 -26.13 -27.36 2.94
#